data_8YN2
#
_entry.id   8YN2
#
_cell.length_a   1.00
_cell.length_b   1.00
_cell.length_c   1.00
_cell.angle_alpha   90.00
_cell.angle_beta   90.00
_cell.angle_gamma   90.00
#
_symmetry.space_group_name_H-M   'P 1'
#
loop_
_entity.id
_entity.type
_entity.pdbx_description
1 polymer 'Engineered guanine nucleotide-binding protein G(q) subunit alpha'
2 polymer 'Guanine nucleotide-binding protein G(I)/G(S)/G(T) subunit beta-1'
3 polymer 'Guanine nucleotide-binding protein G(I)/G(S)/G(O) subunit gamma-2'
4 polymer 'Antibody fragment scFv16'
5 polymer 'Histamine H1 receptor'
6 non-polymer HISTAMINE
7 non-polymer CHOLESTEROL
#
loop_
_entity_poly.entity_id
_entity_poly.type
_entity_poly.pdbx_seq_one_letter_code
_entity_poly.pdbx_strand_id
1 'polypeptide(L)'
;MGSTVSAEDKAAAERSKMIDKNLREDGEKARRTLRLLLLGADNSGKSTIVKQMRILHGGSGGSGGTSGIFETKFQVDKVN
FHMFDVGGQRDERRKWIQCFNDVTAIIFVVDSSDYNRLQEALNDFKSIWNNRWLRTISVILFLNKQDLLAEKVLAGKSKI
EDYFPEFARYTTPEDATPEPGEDPRVTRAKYFIRKEFVDISTASGDGRHICYPHFTCAVDTENARRIFNDCKDIILQMNL
REYNLV
;
A
2 'polypeptide(L)'
;MHHHHHHGSSGSELDQLRQEAEQLKNQIRDARKACADATLSQITNNIDPVGRIQMRTRRTLRGHLAKIYAMHWGTDSRLL
VSASQDGKLIIWDSYTTNKVHAIPLRSSWVMTCAYAPSGNYVACGGLDNICSIYNLKTREGNVRVSRELAGHTGYLSCCR
FLDDNQIVTSSGDTTCALWDIETGQQTTTFTGHTGDVMSLSLAPDTRLFVSGACDASAKLWDVREGMCRQTFTGHESDIN
AICFFPNGNAFATGSDDATCRLFDLRADQELMTYSHDNIICGITSVSFSKSGRLLLAGYDDFNCNVWDALKADRAGVLAG
HDNRVSCLGVTDDGMAVATGSWDSFLKIWNGSSGGGGSGGGGSSGVSGWRLFKKIS
;
B
3 'polypeptide(L)' MASNNTASIAQARKLVEQLKMEANIDRIKVSKAAADLMAYCEAHAKEDPLLTPVPASENPFREKKFFCAIL C
4 'polypeptide(L)'
;DVQLVESGGGLVQPGGSRKLSCSASGFAFSSFGMHWVRQAPEKGLEWVAYISSGSGTIYYADTVKGRFTISRDDPKNTLF
LQMTSLRSEDTAMYYCVRSIYYYGSSPFDFWGQGTTLTVSSGGGGSGGGGSGGGGSDIVMTQATSSVPVTPGESVSISCR
SSKSLLHSNGNTYLYWFLQRPGQSPQLLIYRMSNLASGVPDRFSGSGSGTAFTLTISRLEAEDVGVYYCMQHLEYPLTFG
AGTKLELLEENLYFQ
;
E
5 'polypeptide(L)'
;DYKDDDDHHHHHHHHGQPGNGSAFLLAPNGSHAPDHNVTQQRDEENLYFQGVDMSLPNSSCLLEDKMCEGNKTTMASPQL
MPLVVVLSTICLVTVGLNLLVLYAVRSERKLHTVGNLYIVSLSVADLIVGAVVMPMNILYLLMSKWSLGRPLCLFWLSMD
YVASTASIFSVFILCIDRYRSVQQPLRYLKYRTKTRASATILGAWFLSFLWVIPILGWNHFMQQTSVRREDKCETDFYDV
TWFKVMTAIINFYLPTLLMLWFYAKIYKAVRQHCQHRELINRSLPSFSEIKLRPENPKGDAKKPGKESPWEVLKRKPKDA
GGGSVLKSPSQTPKEMKSPVVFSQEDDREVDKLYCFPLDIVHMQAAAEGSSRDYVAVNRSHGQLKTDEQGLNTHGASEIS
EDQMLGDSQSFSRTDSDTTTETAPGKGKLRSGSNTGLDYIKFTWKRLRSHSRQYVSGLHMNRERKAAKQLGFIMAAFILC
WIPYFIFFMVIAFCKNCCNEHLHMFTIWLGYINSTLNPLIYPLCNENFKKTFKRILHIRSAAAGSSGGGGSGGGGSSGVF
TLEDFVGDWEQTAAYNLDQVLEQGGVSSLLQNLAVSVTPIQRIVRSGENALKIDIHVIIPYEGLSADQMAQIEEVFKVVY
PVDDHHFKVILPYGTLVIDGVTPNMLNYFGRPYEGIAVFDGKKITVTGTLWNGNKIIDERLITPDGSMLFRVTINS
;
R
#
# COMPACT_ATOMS: atom_id res chain seq x y z
N VAL A 5 22.06 4.87 14.88
CA VAL A 5 20.70 5.08 15.37
C VAL A 5 20.68 5.02 16.89
N SER A 6 19.84 5.85 17.50
CA SER A 6 19.77 5.95 18.95
C SER A 6 18.86 4.87 19.52
N ALA A 7 18.78 4.82 20.85
CA ALA A 7 17.96 3.80 21.50
C ALA A 7 16.49 3.98 21.16
N GLU A 8 16.01 5.23 21.12
CA GLU A 8 14.61 5.46 20.79
C GLU A 8 14.34 5.23 19.31
N ASP A 9 15.32 5.49 18.44
CA ASP A 9 15.14 5.20 17.03
C ASP A 9 15.03 3.69 16.77
N LYS A 10 15.85 2.89 17.46
CA LYS A 10 15.75 1.45 17.31
C LYS A 10 14.39 0.94 17.79
N ALA A 11 13.88 1.53 18.87
CA ALA A 11 12.54 1.20 19.33
C ALA A 11 11.48 1.64 18.32
N ALA A 12 11.67 2.80 17.70
CA ALA A 12 10.74 3.26 16.67
C ALA A 12 10.77 2.35 15.45
N ALA A 13 11.96 1.92 15.04
CA ALA A 13 12.08 1.04 13.88
C ALA A 13 11.47 -0.33 14.16
N GLU A 14 11.55 -0.79 15.40
CA GLU A 14 10.90 -2.05 15.75
C GLU A 14 9.38 -1.92 15.69
N ARG A 15 8.85 -0.78 16.11
CA ARG A 15 7.42 -0.54 16.01
C ARG A 15 6.96 -0.54 14.56
N SER A 16 7.77 0.03 13.67
CA SER A 16 7.45 0.05 12.25
C SER A 16 7.37 -1.36 11.68
N LYS A 17 8.30 -2.23 12.08
CA LYS A 17 8.29 -3.60 11.57
C LYS A 17 7.10 -4.39 12.10
N MET A 18 6.62 -4.07 13.31
CA MET A 18 5.40 -4.70 13.79
C MET A 18 4.19 -4.19 13.03
N ILE A 19 4.25 -2.97 12.52
CA ILE A 19 3.18 -2.45 11.66
C ILE A 19 3.18 -3.18 10.33
N ASP A 20 4.37 -3.40 9.76
CA ASP A 20 4.46 -4.13 8.50
C ASP A 20 3.91 -5.55 8.63
N LYS A 21 4.15 -6.19 9.77
CA LYS A 21 3.66 -7.55 9.97
C LYS A 21 2.14 -7.59 9.95
N ASN A 22 1.49 -6.60 10.54
CA ASN A 22 0.03 -6.56 10.52
C ASN A 22 -0.51 -6.15 9.16
N LEU A 23 0.25 -5.35 8.40
CA LEU A 23 -0.19 -4.99 7.05
C LEU A 23 -0.15 -6.19 6.12
N ARG A 24 0.85 -7.07 6.29
CA ARG A 24 0.92 -8.27 5.47
C ARG A 24 -0.23 -9.22 5.76
N GLU A 25 -0.61 -9.35 7.04
CA GLU A 25 -1.72 -10.22 7.40
C GLU A 25 -3.02 -9.74 6.77
N ASP A 26 -3.23 -8.43 6.74
CA ASP A 26 -4.45 -7.88 6.15
C ASP A 26 -4.47 -8.08 4.63
N GLY A 27 -3.32 -8.01 3.98
CA GLY A 27 -3.27 -8.22 2.54
C GLY A 27 -3.51 -9.65 2.13
N GLU A 28 -3.28 -10.60 3.03
CA GLU A 28 -3.54 -12.00 2.73
C GLU A 28 -5.03 -12.31 2.79
N LYS A 29 -5.78 -11.61 3.66
CA LYS A 29 -7.21 -11.81 3.72
C LYS A 29 -7.92 -11.23 2.50
N ALA A 30 -7.37 -10.16 1.92
CA ALA A 30 -7.99 -9.54 0.75
C ALA A 30 -7.80 -10.39 -0.51
N ARG A 31 -6.81 -11.27 -0.54
CA ARG A 31 -6.60 -12.11 -1.71
C ARG A 31 -7.60 -13.26 -1.77
N ARG A 32 -8.06 -13.74 -0.62
CA ARG A 32 -9.00 -14.85 -0.59
C ARG A 32 -10.42 -14.43 -0.96
N THR A 33 -10.73 -13.14 -0.85
CA THR A 33 -12.08 -12.63 -1.07
C THR A 33 -12.21 -12.07 -2.47
N LEU A 34 -13.30 -12.42 -3.14
CA LEU A 34 -13.58 -11.94 -4.49
C LEU A 34 -14.50 -10.73 -4.41
N ARG A 35 -14.11 -9.65 -5.09
CA ARG A 35 -14.85 -8.40 -5.08
C ARG A 35 -15.70 -8.28 -6.34
N LEU A 36 -16.95 -7.88 -6.18
CA LEU A 36 -17.90 -7.77 -7.27
C LEU A 36 -18.55 -6.40 -7.24
N LEU A 37 -18.71 -5.80 -8.41
CA LEU A 37 -19.37 -4.50 -8.55
C LEU A 37 -20.77 -4.71 -9.12
N LEU A 38 -21.78 -4.31 -8.36
CA LEU A 38 -23.18 -4.52 -8.74
C LEU A 38 -23.70 -3.25 -9.41
N LEU A 39 -23.91 -3.31 -10.71
CA LEU A 39 -24.40 -2.18 -11.48
C LEU A 39 -25.77 -2.49 -12.07
N GLY A 40 -26.58 -1.45 -12.22
CA GLY A 40 -27.91 -1.63 -12.75
C GLY A 40 -28.73 -0.38 -12.53
N ALA A 41 -29.88 -0.33 -13.19
CA ALA A 41 -30.78 0.80 -13.09
C ALA A 41 -31.73 0.62 -11.91
N ASP A 42 -32.59 1.61 -11.70
CA ASP A 42 -33.56 1.55 -10.61
C ASP A 42 -34.58 0.43 -10.85
N ASN A 43 -35.01 0.25 -12.09
CA ASN A 43 -35.98 -0.78 -12.43
C ASN A 43 -35.34 -2.15 -12.62
N SER A 44 -34.01 -2.23 -12.56
CA SER A 44 -33.32 -3.50 -12.80
C SER A 44 -33.69 -4.54 -11.75
N GLY A 45 -33.91 -4.11 -10.51
CA GLY A 45 -34.16 -5.06 -9.44
C GLY A 45 -32.91 -5.66 -8.83
N LYS A 46 -31.76 -4.98 -8.97
CA LYS A 46 -30.52 -5.50 -8.41
C LYS A 46 -30.57 -5.61 -6.90
N SER A 47 -31.44 -4.85 -6.23
CA SER A 47 -31.57 -4.96 -4.79
C SER A 47 -32.25 -6.26 -4.38
N THR A 48 -33.03 -6.89 -5.27
CA THR A 48 -33.66 -8.16 -4.94
C THR A 48 -32.67 -9.31 -4.97
N ILE A 49 -31.76 -9.32 -5.94
CA ILE A 49 -30.81 -10.41 -6.08
C ILE A 49 -29.88 -10.47 -4.87
N VAL A 50 -29.40 -9.30 -4.42
CA VAL A 50 -28.48 -9.27 -3.28
C VAL A 50 -29.18 -9.71 -2.00
N LYS A 51 -30.43 -9.28 -1.81
CA LYS A 51 -31.16 -9.64 -0.60
C LYS A 51 -31.39 -11.15 -0.53
N GLN A 52 -31.75 -11.78 -1.64
CA GLN A 52 -31.93 -13.22 -1.65
C GLN A 52 -30.61 -13.94 -1.41
N MET A 53 -29.52 -13.44 -2.00
CA MET A 53 -28.21 -14.04 -1.78
C MET A 53 -27.66 -13.77 -0.39
N ARG A 54 -28.23 -12.84 0.36
CA ARG A 54 -27.76 -12.51 1.69
C ARG A 54 -28.56 -13.28 2.75
N GLY A 68 -24.18 5.94 0.94
CA GLY A 68 -22.82 5.79 0.46
C GLY A 68 -22.64 4.56 -0.42
N ILE A 69 -21.92 3.57 0.09
CA ILE A 69 -21.66 2.32 -0.60
C ILE A 69 -22.31 1.20 0.19
N PHE A 70 -23.15 0.40 -0.47
CA PHE A 70 -23.75 -0.75 0.17
C PHE A 70 -22.87 -1.95 -0.11
N GLU A 71 -22.40 -2.61 0.94
CA GLU A 71 -21.46 -3.72 0.84
C GLU A 71 -22.13 -4.98 1.35
N THR A 72 -22.05 -6.05 0.57
CA THR A 72 -22.68 -7.32 0.92
C THR A 72 -21.65 -8.44 0.84
N LYS A 73 -21.71 -9.35 1.80
CA LYS A 73 -20.80 -10.49 1.87
C LYS A 73 -21.63 -11.76 1.94
N PHE A 74 -21.60 -12.56 0.88
CA PHE A 74 -22.26 -13.86 0.85
C PHE A 74 -21.22 -14.92 0.52
N GLN A 75 -21.35 -16.07 1.19
CA GLN A 75 -20.39 -17.16 1.09
C GLN A 75 -21.04 -18.35 0.40
N VAL A 76 -20.37 -18.86 -0.64
CA VAL A 76 -20.84 -20.02 -1.39
C VAL A 76 -19.71 -21.03 -1.43
N ASP A 77 -19.97 -22.23 -0.88
CA ASP A 77 -18.99 -23.31 -0.82
C ASP A 77 -17.69 -22.86 -0.16
N LYS A 78 -17.84 -22.18 0.99
CA LYS A 78 -16.70 -21.70 1.79
C LYS A 78 -15.83 -20.73 1.01
N VAL A 79 -16.41 -20.02 0.05
CA VAL A 79 -15.72 -18.98 -0.73
C VAL A 79 -16.43 -17.67 -0.47
N ASN A 80 -15.67 -16.64 -0.10
CA ASN A 80 -16.23 -15.37 0.33
C ASN A 80 -16.32 -14.41 -0.86
N PHE A 81 -17.53 -13.93 -1.13
CA PHE A 81 -17.76 -12.94 -2.17
C PHE A 81 -18.16 -11.63 -1.51
N HIS A 82 -17.55 -10.54 -1.95
CA HIS A 82 -17.86 -9.20 -1.45
C HIS A 82 -18.41 -8.38 -2.61
N MET A 83 -19.68 -8.00 -2.51
CA MET A 83 -20.38 -7.30 -3.57
C MET A 83 -20.70 -5.87 -3.14
N PHE A 84 -20.48 -4.92 -4.04
CA PHE A 84 -20.61 -3.50 -3.73
C PHE A 84 -21.64 -2.87 -4.67
N ASP A 85 -22.47 -2.00 -4.11
CA ASP A 85 -23.45 -1.23 -4.87
C ASP A 85 -23.26 0.24 -4.57
N VAL A 86 -22.84 1.01 -5.57
CA VAL A 86 -22.62 2.45 -5.41
C VAL A 86 -23.95 3.13 -5.71
N GLY A 87 -24.79 3.23 -4.68
CA GLY A 87 -26.10 3.82 -4.85
C GLY A 87 -26.05 5.34 -4.89
N GLY A 88 -27.17 5.92 -5.29
CA GLY A 88 -27.28 7.36 -5.34
C GLY A 88 -26.65 7.98 -6.56
N GLN A 89 -26.50 9.30 -6.51
CA GLN A 89 -25.86 10.10 -7.56
C GLN A 89 -26.69 9.99 -8.84
N ARG A 90 -26.03 10.09 -10.00
CA ARG A 90 -26.72 10.10 -11.28
C ARG A 90 -25.89 9.26 -12.26
N ASP A 91 -26.22 9.39 -13.55
CA ASP A 91 -25.55 8.63 -14.59
C ASP A 91 -24.09 9.02 -14.78
N GLU A 92 -23.66 10.13 -14.18
CA GLU A 92 -22.27 10.57 -14.26
C GLU A 92 -21.45 9.76 -13.26
N ARG A 93 -21.04 8.57 -13.69
CA ARG A 93 -20.20 7.69 -12.89
C ARG A 93 -18.82 7.49 -13.50
N ARG A 94 -18.41 8.39 -14.40
CA ARG A 94 -17.11 8.25 -15.05
C ARG A 94 -15.96 8.47 -14.09
N LYS A 95 -16.23 8.99 -12.88
CA LYS A 95 -15.16 9.32 -11.95
C LYS A 95 -14.86 8.17 -10.99
N TRP A 96 -15.87 7.74 -10.22
CA TRP A 96 -15.62 6.72 -9.22
C TRP A 96 -15.47 5.33 -9.82
N ILE A 97 -15.70 5.16 -11.12
CA ILE A 97 -15.51 3.86 -11.76
C ILE A 97 -14.03 3.47 -11.79
N GLN A 98 -13.12 4.42 -11.59
CA GLN A 98 -11.70 4.09 -11.52
C GLN A 98 -11.36 3.27 -10.29
N CYS A 99 -12.14 3.42 -9.22
CA CYS A 99 -11.88 2.67 -8.00
C CYS A 99 -11.99 1.17 -8.23
N PHE A 100 -12.96 0.75 -9.04
CA PHE A 100 -13.18 -0.67 -9.31
C PHE A 100 -12.44 -1.12 -10.56
N ASN A 101 -11.14 -0.82 -10.61
CA ASN A 101 -10.29 -1.21 -11.73
C ASN A 101 -9.77 -2.63 -11.60
N ASP A 102 -9.93 -3.26 -10.43
CA ASP A 102 -9.35 -4.57 -10.19
C ASP A 102 -10.34 -5.52 -9.52
N VAL A 103 -11.64 -5.30 -9.73
CA VAL A 103 -12.64 -6.23 -9.20
C VAL A 103 -12.64 -7.48 -10.06
N THR A 104 -13.01 -8.61 -9.46
CA THR A 104 -13.03 -9.87 -10.20
C THR A 104 -14.07 -9.84 -11.31
N ALA A 105 -15.25 -9.28 -11.04
CA ALA A 105 -16.31 -9.24 -12.03
C ALA A 105 -17.23 -8.07 -11.75
N ILE A 106 -17.99 -7.69 -12.78
CA ILE A 106 -19.05 -6.70 -12.67
C ILE A 106 -20.37 -7.42 -12.88
N ILE A 107 -21.30 -7.25 -11.94
CA ILE A 107 -22.62 -7.87 -12.02
C ILE A 107 -23.59 -6.81 -12.52
N PHE A 108 -23.89 -6.83 -13.81
CA PHE A 108 -24.78 -5.87 -14.43
C PHE A 108 -26.17 -6.50 -14.56
N VAL A 109 -27.17 -5.83 -14.01
CA VAL A 109 -28.54 -6.34 -13.97
C VAL A 109 -29.41 -5.44 -14.84
N VAL A 110 -30.20 -6.05 -15.71
CA VAL A 110 -31.14 -5.34 -16.57
C VAL A 110 -32.54 -5.88 -16.32
N ASP A 111 -33.53 -5.15 -16.82
CA ASP A 111 -34.92 -5.57 -16.77
C ASP A 111 -35.36 -5.87 -18.20
N SER A 112 -35.55 -7.16 -18.50
CA SER A 112 -35.95 -7.57 -19.83
C SER A 112 -37.42 -7.28 -20.11
N SER A 113 -38.25 -7.24 -19.08
CA SER A 113 -39.69 -7.01 -19.28
C SER A 113 -39.95 -5.64 -19.88
N ASP A 114 -39.24 -4.61 -19.41
CA ASP A 114 -39.45 -3.25 -19.88
C ASP A 114 -38.73 -3.05 -21.20
N TYR A 115 -39.48 -3.14 -22.30
CA TYR A 115 -38.89 -2.93 -23.62
C TYR A 115 -38.53 -1.48 -23.85
N ASN A 116 -39.21 -0.56 -23.16
CA ASN A 116 -39.02 0.87 -23.43
C ASN A 116 -37.60 1.31 -23.07
N ARG A 117 -37.07 0.83 -21.94
CA ARG A 117 -35.78 1.26 -21.44
C ARG A 117 -34.66 0.29 -21.78
N LEU A 118 -34.91 -0.69 -22.65
CA LEU A 118 -33.87 -1.63 -23.03
C LEU A 118 -32.73 -0.93 -23.76
N GLN A 119 -33.06 0.04 -24.61
CA GLN A 119 -32.02 0.76 -25.34
C GLN A 119 -31.13 1.56 -24.40
N GLU A 120 -31.69 2.11 -23.33
CA GLU A 120 -30.86 2.76 -22.32
C GLU A 120 -29.92 1.76 -21.65
N ALA A 121 -30.44 0.56 -21.36
CA ALA A 121 -29.58 -0.48 -20.79
C ALA A 121 -28.49 -0.90 -21.77
N LEU A 122 -28.85 -1.02 -23.05
CA LEU A 122 -27.84 -1.34 -24.06
C LEU A 122 -26.80 -0.24 -24.17
N ASN A 123 -27.24 1.02 -24.13
CA ASN A 123 -26.29 2.13 -24.12
C ASN A 123 -25.48 2.14 -22.82
N ASP A 124 -26.13 1.84 -21.69
CA ASP A 124 -25.42 1.79 -20.42
C ASP A 124 -24.40 0.67 -20.41
N PHE A 125 -24.77 -0.51 -20.93
CA PHE A 125 -23.85 -1.64 -20.96
C PHE A 125 -22.66 -1.36 -21.88
N LYS A 126 -22.90 -0.65 -22.98
CA LYS A 126 -21.82 -0.35 -23.91
C LYS A 126 -20.78 0.57 -23.28
N SER A 127 -21.23 1.54 -22.47
CA SER A 127 -20.28 2.41 -21.78
C SER A 127 -19.43 1.65 -20.78
N ILE A 128 -20.04 0.72 -20.05
CA ILE A 128 -19.28 -0.08 -19.08
C ILE A 128 -18.29 -0.99 -19.80
N TRP A 129 -18.72 -1.62 -20.89
CA TRP A 129 -17.85 -2.55 -21.60
C TRP A 129 -16.68 -1.84 -22.25
N ASN A 130 -16.91 -0.64 -22.78
CA ASN A 130 -15.89 0.11 -23.48
C ASN A 130 -15.21 1.15 -22.59
N ASN A 131 -15.42 1.08 -21.28
CA ASN A 131 -14.80 2.03 -20.37
C ASN A 131 -13.28 1.85 -20.37
N ARG A 132 -12.57 2.96 -20.22
CA ARG A 132 -11.11 2.92 -20.23
C ARG A 132 -10.58 2.12 -19.05
N TRP A 133 -11.23 2.24 -17.89
CA TRP A 133 -10.76 1.59 -16.67
C TRP A 133 -11.34 0.21 -16.46
N LEU A 134 -12.13 -0.30 -17.40
CA LEU A 134 -12.76 -1.61 -17.25
C LEU A 134 -12.46 -2.50 -18.44
N ARG A 135 -11.24 -2.40 -18.98
CA ARG A 135 -10.88 -3.15 -20.18
C ARG A 135 -10.54 -4.61 -19.87
N THR A 136 -10.30 -4.96 -18.61
CA THR A 136 -9.93 -6.32 -18.25
C THR A 136 -10.90 -6.95 -17.26
N ILE A 137 -12.05 -6.34 -17.02
CA ILE A 137 -13.02 -6.82 -16.04
C ILE A 137 -14.15 -7.52 -16.77
N SER A 138 -14.37 -8.79 -16.47
CA SER A 138 -15.48 -9.52 -17.05
C SER A 138 -16.79 -9.07 -16.42
N VAL A 139 -17.88 -9.28 -17.15
CA VAL A 139 -19.20 -8.85 -16.73
C VAL A 139 -20.10 -10.08 -16.59
N ILE A 140 -20.75 -10.20 -15.44
CA ILE A 140 -21.73 -11.26 -15.21
C ILE A 140 -23.09 -10.60 -15.42
N LEU A 141 -23.61 -10.72 -16.64
CA LEU A 141 -24.83 -10.04 -17.02
C LEU A 141 -26.04 -10.83 -16.53
N PHE A 142 -26.94 -10.15 -15.82
CA PHE A 142 -28.20 -10.73 -15.36
C PHE A 142 -29.35 -10.04 -16.09
N LEU A 143 -30.21 -10.84 -16.71
CA LEU A 143 -31.44 -10.35 -17.33
C LEU A 143 -32.58 -10.73 -16.40
N ASN A 144 -32.89 -9.82 -15.48
CA ASN A 144 -33.78 -10.12 -14.37
C ASN A 144 -35.25 -10.06 -14.79
N LYS A 145 -36.11 -10.58 -13.92
CA LYS A 145 -37.56 -10.53 -14.09
C LYS A 145 -38.00 -11.22 -15.38
N GLN A 146 -37.59 -12.49 -15.51
CA GLN A 146 -38.00 -13.29 -16.65
C GLN A 146 -39.43 -13.79 -16.50
N ASP A 147 -39.90 -14.02 -15.26
CA ASP A 147 -41.28 -14.40 -15.05
C ASP A 147 -42.23 -13.29 -15.50
N LEU A 148 -41.87 -12.04 -15.21
CA LEU A 148 -42.66 -10.90 -15.68
C LEU A 148 -42.61 -10.80 -17.19
N LEU A 149 -41.44 -11.03 -17.79
CA LEU A 149 -41.32 -10.99 -19.24
C LEU A 149 -42.16 -12.06 -19.90
N ALA A 150 -42.17 -13.27 -19.32
CA ALA A 150 -42.98 -14.35 -19.88
C ALA A 150 -44.46 -14.00 -19.87
N GLU A 151 -44.93 -13.42 -18.77
CA GLU A 151 -46.33 -12.98 -18.71
C GLU A 151 -46.60 -11.87 -19.72
N LYS A 152 -45.65 -10.94 -19.87
CA LYS A 152 -45.83 -9.84 -20.81
C LYS A 152 -45.91 -10.35 -22.25
N VAL A 153 -45.07 -11.31 -22.60
CA VAL A 153 -45.12 -11.88 -23.95
C VAL A 153 -46.39 -12.73 -24.11
N LEU A 154 -46.76 -13.47 -23.07
CA LEU A 154 -47.97 -14.30 -23.15
C LEU A 154 -49.22 -13.44 -23.33
N ALA A 155 -49.27 -12.29 -22.65
CA ALA A 155 -50.40 -11.39 -22.82
C ALA A 155 -50.47 -10.86 -24.24
N GLY A 156 -49.33 -10.48 -24.82
CA GLY A 156 -49.29 -10.02 -26.19
C GLY A 156 -49.77 -8.61 -26.42
N LYS A 157 -50.02 -7.84 -25.36
CA LYS A 157 -50.51 -6.48 -25.53
C LYS A 157 -49.46 -5.60 -26.22
N SER A 158 -48.19 -5.74 -25.83
CA SER A 158 -47.11 -4.95 -26.38
C SER A 158 -46.15 -5.85 -27.14
N LYS A 159 -45.60 -5.33 -28.24
CA LYS A 159 -44.71 -6.08 -29.10
C LYS A 159 -43.31 -5.49 -29.06
N ILE A 160 -42.31 -6.38 -29.00
CA ILE A 160 -40.92 -5.94 -28.99
C ILE A 160 -40.55 -5.29 -30.32
N GLU A 161 -41.12 -5.78 -31.42
CA GLU A 161 -40.78 -5.26 -32.74
C GLU A 161 -41.09 -3.77 -32.88
N ASP A 162 -41.99 -3.23 -32.06
CA ASP A 162 -42.26 -1.80 -32.10
C ASP A 162 -41.03 -0.99 -31.71
N TYR A 163 -40.30 -1.44 -30.69
CA TYR A 163 -39.10 -0.74 -30.25
C TYR A 163 -37.86 -1.16 -31.03
N PHE A 164 -37.71 -2.45 -31.29
CA PHE A 164 -36.57 -2.96 -32.07
C PHE A 164 -37.08 -3.51 -33.39
N PRO A 165 -36.87 -2.80 -34.51
CA PRO A 165 -37.38 -3.31 -35.80
C PRO A 165 -36.76 -4.63 -36.20
N GLU A 166 -35.51 -4.90 -35.83
CA GLU A 166 -34.82 -6.11 -36.25
C GLU A 166 -35.41 -7.37 -35.64
N PHE A 167 -36.28 -7.26 -34.62
CA PHE A 167 -36.88 -8.44 -34.03
C PHE A 167 -37.83 -9.15 -34.98
N ALA A 168 -38.39 -8.43 -35.96
CA ALA A 168 -39.31 -9.06 -36.91
C ALA A 168 -38.59 -10.06 -37.80
N ARG A 169 -37.30 -9.83 -38.08
CA ARG A 169 -36.52 -10.69 -38.95
C ARG A 169 -35.55 -11.59 -38.17
N TYR A 170 -35.78 -11.76 -36.87
CA TYR A 170 -34.92 -12.58 -36.04
C TYR A 170 -35.51 -13.97 -35.90
N THR A 171 -34.67 -14.99 -36.07
CA THR A 171 -35.06 -16.37 -35.95
C THR A 171 -34.22 -17.04 -34.86
N THR A 172 -34.86 -17.89 -34.06
CA THR A 172 -34.16 -18.55 -32.97
C THR A 172 -33.08 -19.47 -33.51
N PRO A 173 -31.84 -19.35 -33.04
CA PRO A 173 -30.78 -20.23 -33.54
C PRO A 173 -31.04 -21.69 -33.18
N GLU A 174 -30.54 -22.59 -34.04
CA GLU A 174 -30.68 -24.02 -33.78
C GLU A 174 -29.90 -24.43 -32.54
N ASP A 175 -28.81 -23.73 -32.22
CA ASP A 175 -28.02 -24.04 -31.04
C ASP A 175 -28.74 -23.72 -29.74
N ALA A 176 -29.86 -23.00 -29.79
CA ALA A 176 -30.59 -22.67 -28.58
C ALA A 176 -31.18 -23.92 -27.94
N THR A 177 -31.18 -23.94 -26.61
CA THR A 177 -31.72 -25.07 -25.84
C THR A 177 -32.73 -24.52 -24.83
N PRO A 178 -33.96 -24.25 -25.27
CA PRO A 178 -34.97 -23.71 -24.36
C PRO A 178 -35.33 -24.72 -23.27
N GLU A 179 -35.68 -24.19 -22.11
CA GLU A 179 -36.10 -25.03 -21.00
C GLU A 179 -37.43 -25.70 -21.30
N PRO A 180 -37.68 -26.89 -20.76
CA PRO A 180 -38.97 -27.55 -20.97
C PRO A 180 -40.12 -26.72 -20.41
N GLY A 181 -41.27 -26.81 -21.09
CA GLY A 181 -42.43 -26.06 -20.68
C GLY A 181 -42.39 -24.59 -21.01
N GLU A 182 -41.55 -24.17 -21.94
CA GLU A 182 -41.41 -22.78 -22.33
C GLU A 182 -41.99 -22.57 -23.73
N ASP A 183 -42.83 -21.55 -23.87
CA ASP A 183 -43.44 -21.26 -25.15
C ASP A 183 -42.37 -20.84 -26.16
N PRO A 184 -42.45 -21.31 -27.40
CA PRO A 184 -41.47 -20.89 -28.42
C PRO A 184 -41.43 -19.39 -28.65
N ARG A 185 -42.58 -18.70 -28.51
CA ARG A 185 -42.57 -17.24 -28.62
C ARG A 185 -41.78 -16.61 -27.48
N VAL A 186 -41.90 -17.17 -26.27
CA VAL A 186 -41.12 -16.69 -25.13
C VAL A 186 -39.63 -16.88 -25.40
N THR A 187 -39.25 -18.06 -25.91
CA THR A 187 -37.85 -18.33 -26.20
C THR A 187 -37.31 -17.39 -27.27
N ARG A 188 -38.10 -17.14 -28.31
CA ARG A 188 -37.63 -16.28 -29.40
C ARG A 188 -37.34 -14.87 -28.91
N ALA A 189 -38.22 -14.33 -28.07
CA ALA A 189 -37.99 -12.99 -27.54
C ALA A 189 -36.90 -12.97 -26.50
N LYS A 190 -36.84 -14.01 -25.66
CA LYS A 190 -35.84 -14.06 -24.59
C LYS A 190 -34.42 -14.11 -25.16
N TYR A 191 -34.22 -14.92 -26.21
CA TYR A 191 -32.90 -15.03 -26.82
C TYR A 191 -32.55 -13.82 -27.67
N PHE A 192 -33.53 -13.02 -28.08
CA PHE A 192 -33.21 -11.81 -28.84
C PHE A 192 -32.63 -10.73 -27.94
N ILE A 193 -33.19 -10.58 -26.73
CA ILE A 193 -32.64 -9.61 -25.79
C ILE A 193 -31.22 -9.98 -25.40
N ARG A 194 -30.97 -11.27 -25.16
CA ARG A 194 -29.64 -11.72 -24.78
C ARG A 194 -28.62 -11.45 -25.88
N LYS A 195 -29.01 -11.67 -27.15
CA LYS A 195 -28.07 -11.48 -28.24
C LYS A 195 -27.70 -10.01 -28.43
N GLU A 196 -28.59 -9.09 -28.03
CA GLU A 196 -28.29 -7.67 -28.15
C GLU A 196 -27.11 -7.28 -27.26
N PHE A 197 -27.08 -7.79 -26.03
CA PHE A 197 -25.97 -7.49 -25.14
C PHE A 197 -24.70 -8.20 -25.58
N VAL A 198 -24.81 -9.46 -25.98
CA VAL A 198 -23.63 -10.23 -26.40
C VAL A 198 -23.02 -9.61 -27.66
N ASP A 199 -23.86 -9.08 -28.55
CA ASP A 199 -23.34 -8.41 -29.73
C ASP A 199 -22.46 -7.22 -29.36
N ILE A 200 -22.76 -6.55 -28.25
CA ILE A 200 -21.92 -5.46 -27.78
C ILE A 200 -20.59 -6.01 -27.26
N SER A 201 -20.63 -7.12 -26.52
CA SER A 201 -19.42 -7.69 -25.95
C SER A 201 -18.45 -8.16 -27.03
N THR A 202 -18.96 -8.82 -28.06
CA THR A 202 -18.10 -9.37 -29.11
C THR A 202 -17.52 -8.30 -30.03
N ALA A 203 -18.00 -7.06 -29.94
CA ALA A 203 -17.48 -6.01 -30.81
C ALA A 203 -16.02 -5.71 -30.53
N SER A 204 -15.62 -5.68 -29.26
CA SER A 204 -14.27 -5.34 -28.88
C SER A 204 -13.87 -6.21 -27.69
N GLY A 205 -12.72 -5.90 -27.10
CA GLY A 205 -12.25 -6.62 -25.93
C GLY A 205 -11.04 -7.49 -26.22
N ASP A 206 -11.04 -8.14 -27.39
CA ASP A 206 -9.94 -9.00 -27.83
C ASP A 206 -9.66 -10.11 -26.82
N GLY A 207 -10.72 -10.62 -26.20
CA GLY A 207 -10.60 -11.73 -25.27
C GLY A 207 -10.12 -11.38 -23.89
N ARG A 208 -9.86 -10.10 -23.62
CA ARG A 208 -9.42 -9.71 -22.27
C ARG A 208 -10.51 -9.97 -21.24
N HIS A 209 -11.76 -9.63 -21.58
CA HIS A 209 -12.89 -9.85 -20.69
C HIS A 209 -14.04 -10.46 -21.46
N ILE A 210 -14.89 -11.21 -20.74
CA ILE A 210 -15.99 -11.95 -21.32
C ILE A 210 -17.27 -11.56 -20.59
N CYS A 211 -18.40 -11.76 -21.26
CA CYS A 211 -19.72 -11.54 -20.69
C CYS A 211 -20.38 -12.90 -20.46
N TYR A 212 -21.09 -13.02 -19.33
CA TYR A 212 -21.74 -14.25 -18.92
C TYR A 212 -23.22 -13.97 -18.72
N PRO A 213 -23.99 -13.91 -19.79
CA PRO A 213 -25.43 -13.62 -19.66
C PRO A 213 -26.17 -14.72 -18.94
N HIS A 214 -27.20 -14.33 -18.19
CA HIS A 214 -28.05 -15.27 -17.47
C HIS A 214 -29.47 -14.73 -17.46
N PHE A 215 -30.43 -15.63 -17.28
CA PHE A 215 -31.83 -15.28 -17.13
C PHE A 215 -32.27 -15.66 -15.72
N THR A 216 -32.76 -14.67 -14.97
CA THR A 216 -33.15 -14.87 -13.58
C THR A 216 -34.58 -14.39 -13.38
N CYS A 217 -35.10 -14.65 -12.19
CA CYS A 217 -36.42 -14.17 -11.80
C CYS A 217 -36.35 -13.61 -10.39
N ALA A 218 -37.42 -12.92 -9.98
CA ALA A 218 -37.43 -12.27 -8.68
C ALA A 218 -37.46 -13.26 -7.52
N VAL A 219 -37.79 -14.53 -7.79
CA VAL A 219 -37.84 -15.55 -6.76
C VAL A 219 -36.79 -16.63 -6.97
N ASP A 220 -35.80 -16.37 -7.82
CA ASP A 220 -34.77 -17.37 -8.11
C ASP A 220 -33.82 -17.50 -6.93
N THR A 221 -33.52 -18.74 -6.56
CA THR A 221 -32.62 -19.04 -5.45
C THR A 221 -31.28 -19.58 -5.90
N GLU A 222 -31.02 -19.60 -7.20
CA GLU A 222 -29.77 -20.13 -7.75
C GLU A 222 -28.83 -19.03 -8.22
N ASN A 223 -29.11 -17.77 -7.86
CA ASN A 223 -28.27 -16.67 -8.33
C ASN A 223 -26.87 -16.73 -7.74
N ALA A 224 -26.75 -17.15 -6.48
CA ALA A 224 -25.45 -17.18 -5.83
C ALA A 224 -24.50 -18.16 -6.51
N ARG A 225 -25.02 -19.32 -6.93
CA ARG A 225 -24.17 -20.31 -7.58
C ARG A 225 -23.79 -19.91 -9.00
N ARG A 226 -24.70 -19.22 -9.70
CA ARG A 226 -24.38 -18.77 -11.06
C ARG A 226 -23.21 -17.81 -11.06
N ILE A 227 -23.16 -16.91 -10.08
CA ILE A 227 -21.98 -16.05 -9.91
C ILE A 227 -20.77 -16.89 -9.53
N PHE A 228 -20.96 -17.88 -8.67
CA PHE A 228 -19.86 -18.74 -8.24
C PHE A 228 -19.26 -19.49 -9.43
N ASN A 229 -20.10 -20.04 -10.30
CA ASN A 229 -19.60 -20.77 -11.46
C ASN A 229 -18.99 -19.82 -12.48
N ASP A 230 -19.49 -18.60 -12.59
CA ASP A 230 -18.92 -17.62 -13.51
C ASP A 230 -17.60 -17.07 -12.99
N CYS A 231 -17.52 -16.80 -11.68
CA CYS A 231 -16.27 -16.32 -11.11
C CYS A 231 -15.18 -17.38 -11.16
N LYS A 232 -15.57 -18.65 -11.12
CA LYS A 232 -14.59 -19.72 -11.27
C LYS A 232 -13.94 -19.68 -12.65
N ASP A 233 -14.73 -19.42 -13.69
CA ASP A 233 -14.17 -19.30 -15.04
C ASP A 233 -13.28 -18.07 -15.17
N ILE A 234 -13.63 -16.98 -14.49
CA ILE A 234 -12.79 -15.78 -14.53
C ILE A 234 -11.44 -16.04 -13.88
N ILE A 235 -11.45 -16.67 -12.70
CA ILE A 235 -10.20 -16.99 -12.02
C ILE A 235 -9.40 -18.01 -12.80
N LEU A 236 -10.07 -19.02 -13.35
CA LEU A 236 -9.37 -20.05 -14.11
C LEU A 236 -8.67 -19.46 -15.33
N GLN A 237 -9.34 -18.55 -16.04
CA GLN A 237 -8.72 -17.89 -17.19
C GLN A 237 -7.52 -17.07 -16.74
N MET A 238 -7.60 -16.47 -15.54
CA MET A 238 -6.48 -15.71 -15.02
C MET A 238 -5.28 -16.62 -14.74
N ASN A 239 -5.52 -17.80 -14.19
CA ASN A 239 -4.44 -18.73 -13.90
C ASN A 239 -3.83 -19.30 -15.17
N LEU A 240 -4.66 -19.62 -16.16
CA LEU A 240 -4.15 -20.20 -17.40
C LEU A 240 -3.28 -19.21 -18.18
N ARG A 241 -3.62 -17.92 -18.13
CA ARG A 241 -2.82 -16.93 -18.85
C ARG A 241 -1.42 -16.82 -18.25
N GLU A 242 -1.31 -16.83 -16.92
CA GLU A 242 0.01 -16.70 -16.30
C GLU A 242 0.84 -17.96 -16.43
N TYR A 243 0.21 -19.11 -16.67
CA TYR A 243 0.93 -20.34 -16.95
C TYR A 243 1.26 -20.50 -18.43
N ASN A 244 0.88 -19.52 -19.25
CA ASN A 244 1.04 -19.55 -20.70
C ASN A 244 0.27 -20.70 -21.35
N LEU A 245 -0.75 -21.21 -20.67
CA LEU A 245 -1.59 -22.27 -21.23
C LEU A 245 -2.73 -21.75 -22.07
N VAL A 246 -2.97 -20.43 -22.08
CA VAL A 246 -4.00 -19.83 -22.91
C VAL A 246 -3.46 -18.54 -23.52
N SER B 12 -41.86 32.93 -21.11
CA SER B 12 -41.73 34.39 -21.23
C SER B 12 -40.69 34.91 -20.25
N GLU B 13 -41.01 34.84 -18.96
CA GLU B 13 -40.08 35.31 -17.94
C GLU B 13 -38.81 34.46 -17.91
N LEU B 14 -38.95 33.14 -18.05
CA LEU B 14 -37.78 32.27 -18.06
C LEU B 14 -36.90 32.54 -19.27
N ASP B 15 -37.52 32.71 -20.44
CA ASP B 15 -36.75 33.02 -21.65
C ASP B 15 -36.03 34.35 -21.53
N GLN B 16 -36.70 35.35 -20.96
CA GLN B 16 -36.06 36.66 -20.80
C GLN B 16 -34.88 36.60 -19.85
N LEU B 17 -35.01 35.85 -18.75
CA LEU B 17 -33.93 35.79 -17.77
C LEU B 17 -32.69 35.10 -18.33
N ARG B 18 -32.87 33.98 -19.05
CA ARG B 18 -31.72 33.28 -19.60
C ARG B 18 -31.04 34.08 -20.71
N GLN B 19 -31.74 35.03 -21.33
CA GLN B 19 -31.08 35.94 -22.25
C GLN B 19 -30.22 36.95 -21.51
N GLU B 20 -30.67 37.39 -20.33
CA GLU B 20 -29.88 38.31 -19.53
C GLU B 20 -28.60 37.67 -19.02
N ALA B 21 -28.63 36.37 -18.74
CA ALA B 21 -27.42 35.67 -18.32
C ALA B 21 -26.37 35.70 -19.42
N GLU B 22 -26.80 35.49 -20.67
CA GLU B 22 -25.86 35.56 -21.79
C GLU B 22 -25.27 36.96 -21.94
N GLN B 23 -26.09 37.99 -21.72
CA GLN B 23 -25.58 39.36 -21.76
C GLN B 23 -24.55 39.59 -20.65
N LEU B 24 -24.80 39.05 -19.46
CA LEU B 24 -23.85 39.18 -18.37
C LEU B 24 -22.57 38.42 -18.65
N LYS B 25 -22.69 37.23 -19.26
CA LYS B 25 -21.50 36.46 -19.62
C LYS B 25 -20.64 37.21 -20.63
N ASN B 26 -21.28 37.85 -21.61
CA ASN B 26 -20.52 38.66 -22.57
C ASN B 26 -19.88 39.85 -21.88
N GLN B 27 -20.56 40.44 -20.89
CA GLN B 27 -19.99 41.56 -20.16
C GLN B 27 -18.73 41.14 -19.40
N ILE B 28 -18.77 39.97 -18.77
CA ILE B 28 -17.59 39.46 -18.05
C ILE B 28 -16.48 39.14 -19.05
N ARG B 29 -16.83 38.49 -20.16
CA ARG B 29 -15.82 38.14 -21.15
C ARG B 29 -15.17 39.38 -21.74
N ASP B 30 -15.97 40.42 -22.01
CA ASP B 30 -15.40 41.68 -22.48
C ASP B 30 -14.54 42.33 -21.41
N ALA B 31 -14.96 42.25 -20.14
CA ALA B 31 -14.18 42.85 -19.07
C ALA B 31 -12.82 42.17 -18.92
N ARG B 32 -12.79 40.84 -19.01
CA ARG B 32 -11.51 40.13 -18.94
C ARG B 32 -10.62 40.46 -20.14
N LYS B 33 -11.22 40.55 -21.33
CA LYS B 33 -10.46 40.90 -22.52
C LYS B 33 -9.91 42.32 -22.44
N ALA B 34 -10.61 43.22 -21.77
CA ALA B 34 -10.15 44.59 -21.65
C ALA B 34 -8.84 44.68 -20.87
N CYS B 35 -8.73 43.91 -19.79
CA CYS B 35 -7.53 43.92 -18.96
C CYS B 35 -6.46 42.93 -19.42
N ALA B 36 -6.69 42.23 -20.52
CA ALA B 36 -5.70 41.31 -21.08
C ALA B 36 -4.74 42.05 -22.02
N ASP B 37 -4.11 43.08 -21.47
CA ASP B 37 -3.21 43.91 -22.27
C ASP B 37 -1.99 43.12 -22.75
N ALA B 38 -1.43 42.28 -21.88
CA ALA B 38 -0.22 41.52 -22.21
C ALA B 38 -0.44 40.06 -21.82
N THR B 39 0.57 39.24 -22.12
CA THR B 39 0.56 37.83 -21.77
C THR B 39 1.69 37.55 -20.78
N LEU B 40 1.44 36.61 -19.86
CA LEU B 40 2.49 36.18 -18.94
C LEU B 40 3.71 35.67 -19.69
N SER B 41 3.51 35.01 -20.83
CA SER B 41 4.63 34.55 -21.64
C SER B 41 5.50 35.71 -22.11
N GLN B 42 4.86 36.80 -22.57
CA GLN B 42 5.63 37.96 -23.00
C GLN B 42 6.36 38.61 -21.83
N ILE B 43 5.73 38.67 -20.66
CA ILE B 43 6.34 39.34 -19.51
C ILE B 43 7.60 38.59 -19.07
N THR B 44 7.56 37.26 -19.05
CA THR B 44 8.64 36.44 -18.51
C THR B 44 9.57 35.93 -19.60
N ASN B 45 9.53 36.53 -20.79
CA ASN B 45 10.41 36.09 -21.87
C ASN B 45 11.87 36.43 -21.57
N ASN B 46 12.10 37.60 -20.95
CA ASN B 46 13.48 38.07 -20.73
C ASN B 46 14.21 37.25 -19.67
N ILE B 47 13.49 36.78 -18.63
CA ILE B 47 14.15 36.10 -17.53
C ILE B 47 14.77 34.79 -17.99
N ASP B 48 15.86 34.41 -17.35
CA ASP B 48 16.56 33.19 -17.72
C ASP B 48 15.75 31.95 -17.30
N PRO B 49 15.89 30.86 -18.04
CA PRO B 49 15.17 29.63 -17.66
C PRO B 49 15.77 28.99 -16.41
N VAL B 50 14.97 28.12 -15.80
CA VAL B 50 15.43 27.41 -14.61
C VAL B 50 16.44 26.32 -14.93
N GLY B 51 16.69 26.06 -16.21
CA GLY B 51 17.58 24.97 -16.57
C GLY B 51 16.89 23.63 -16.48
N ARG B 52 17.72 22.59 -16.38
CA ARG B 52 17.21 21.23 -16.23
C ARG B 52 17.10 20.91 -14.75
N ILE B 53 15.92 20.45 -14.33
CA ILE B 53 15.66 20.07 -12.95
C ILE B 53 15.80 18.56 -12.85
N GLN B 54 16.83 18.11 -12.13
CA GLN B 54 17.11 16.69 -11.93
C GLN B 54 16.80 16.35 -10.47
N MET B 55 15.86 15.43 -10.26
CA MET B 55 15.52 14.97 -8.92
C MET B 55 15.69 13.46 -8.85
N ARG B 56 16.25 13.00 -7.73
CA ARG B 56 16.45 11.59 -7.48
C ARG B 56 15.49 11.11 -6.41
N THR B 57 15.17 9.81 -6.45
CA THR B 57 14.34 9.20 -5.43
C THR B 57 15.19 8.99 -4.19
N ARG B 58 14.99 9.84 -3.19
CA ARG B 58 15.72 9.68 -1.93
C ARG B 58 15.13 8.57 -1.08
N ARG B 59 13.80 8.46 -1.05
CA ARG B 59 13.12 7.47 -0.23
C ARG B 59 12.04 6.78 -1.05
N THR B 60 11.81 5.50 -0.75
CA THR B 60 10.67 4.77 -1.27
C THR B 60 9.90 4.23 -0.08
N LEU B 61 8.63 4.61 0.05
CA LEU B 61 7.78 4.19 1.15
C LEU B 61 6.97 2.98 0.71
N ARG B 62 7.27 1.83 1.30
CA ARG B 62 6.64 0.56 0.96
C ARG B 62 5.80 0.09 2.13
N GLY B 63 4.71 -0.60 1.81
CA GLY B 63 3.81 -1.10 2.84
C GLY B 63 2.36 -1.05 2.45
N HIS B 64 1.97 -0.09 1.63
CA HIS B 64 0.65 -0.13 1.01
C HIS B 64 0.56 -1.30 0.05
N LEU B 65 -0.55 -2.03 0.12
CA LEU B 65 -0.74 -3.22 -0.70
C LEU B 65 -1.80 -3.02 -1.78
N ALA B 66 -2.15 -1.76 -2.07
CA ALA B 66 -3.11 -1.45 -3.10
C ALA B 66 -2.79 -0.06 -3.65
N LYS B 67 -3.63 0.39 -4.57
CA LYS B 67 -3.46 1.72 -5.16
C LYS B 67 -3.50 2.81 -4.11
N ILE B 68 -2.49 3.67 -4.12
CA ILE B 68 -2.49 4.87 -3.30
C ILE B 68 -3.31 5.95 -4.00
N TYR B 69 -4.25 6.54 -3.28
CA TYR B 69 -5.14 7.54 -3.87
C TYR B 69 -4.87 8.96 -3.38
N ALA B 70 -4.25 9.14 -2.22
CA ALA B 70 -4.03 10.47 -1.71
C ALA B 70 -2.86 10.46 -0.74
N MET B 71 -2.21 11.61 -0.62
CA MET B 71 -1.17 11.82 0.38
C MET B 71 -1.22 13.28 0.81
N HIS B 72 -0.74 13.55 2.02
CA HIS B 72 -0.64 14.93 2.49
C HIS B 72 0.50 15.05 3.48
N TRP B 73 1.39 16.01 3.23
CA TRP B 73 2.48 16.29 4.16
C TRP B 73 1.95 16.96 5.41
N GLY B 74 2.57 16.64 6.55
CA GLY B 74 2.39 17.46 7.73
C GLY B 74 3.21 18.73 7.64
N THR B 75 2.88 19.68 8.53
CA THR B 75 3.52 20.99 8.47
C THR B 75 4.96 20.96 8.95
N ASP B 76 5.39 19.90 9.63
CA ASP B 76 6.77 19.76 10.06
C ASP B 76 7.69 19.30 8.95
N SER B 77 7.17 19.04 7.75
CA SER B 77 7.93 18.63 6.57
C SER B 77 8.61 17.29 6.77
N ARG B 78 8.21 16.52 7.77
CA ARG B 78 8.78 15.22 8.05
C ARG B 78 7.75 14.10 8.07
N LEU B 79 6.58 14.36 8.65
CA LEU B 79 5.51 13.38 8.68
C LEU B 79 4.56 13.59 7.51
N LEU B 80 4.07 12.48 6.96
CA LEU B 80 3.07 12.53 5.90
C LEU B 80 2.08 11.41 6.11
N VAL B 81 0.86 11.62 5.63
CA VAL B 81 -0.20 10.62 5.69
C VAL B 81 -0.56 10.24 4.27
N SER B 82 -0.72 8.95 4.01
CA SER B 82 -1.12 8.46 2.71
C SER B 82 -2.34 7.55 2.86
N ALA B 83 -3.20 7.57 1.85
CA ALA B 83 -4.40 6.77 1.82
C ALA B 83 -4.33 5.81 0.65
N SER B 84 -4.70 4.55 0.90
CA SER B 84 -4.76 3.54 -0.15
C SER B 84 -6.09 2.81 -0.04
N GLN B 85 -6.48 2.16 -1.14
CA GLN B 85 -7.72 1.41 -1.18
C GLN B 85 -7.56 -0.02 -0.69
N ASP B 86 -6.50 -0.29 0.07
CA ASP B 86 -6.46 -1.45 0.95
C ASP B 86 -7.12 -1.17 2.29
N GLY B 87 -7.79 -0.04 2.43
CA GLY B 87 -8.43 0.33 3.67
C GLY B 87 -7.47 0.74 4.77
N LYS B 88 -6.32 1.30 4.41
CA LYS B 88 -5.29 1.65 5.39
C LYS B 88 -4.87 3.10 5.21
N LEU B 89 -4.94 3.86 6.29
CA LEU B 89 -4.27 5.15 6.40
C LEU B 89 -2.95 4.93 7.10
N ILE B 90 -1.84 5.34 6.47
CA ILE B 90 -0.51 5.18 7.03
C ILE B 90 0.12 6.55 7.19
N ILE B 91 0.72 6.79 8.35
CA ILE B 91 1.50 7.98 8.63
C ILE B 91 2.98 7.59 8.63
N TRP B 92 3.76 8.25 7.79
CA TRP B 92 5.15 7.89 7.57
C TRP B 92 6.08 8.93 8.18
N ASP B 93 7.19 8.46 8.75
CA ASP B 93 8.34 9.31 9.05
C ASP B 93 9.21 9.30 7.80
N SER B 94 9.16 10.39 7.03
CA SER B 94 9.81 10.38 5.73
C SER B 94 11.33 10.34 5.84
N TYR B 95 11.89 10.86 6.94
CA TYR B 95 13.34 10.85 7.09
C TYR B 95 13.89 9.43 7.23
N THR B 96 13.19 8.58 7.97
CA THR B 96 13.65 7.23 8.26
C THR B 96 12.86 6.14 7.54
N THR B 97 11.78 6.51 6.84
CA THR B 97 10.78 5.59 6.28
C THR B 97 10.07 4.77 7.34
N ASN B 98 10.20 5.12 8.62
CA ASN B 98 9.45 4.44 9.66
C ASN B 98 7.97 4.73 9.54
N LYS B 99 7.15 3.72 9.82
CA LYS B 99 5.70 3.90 9.90
C LYS B 99 5.35 4.33 11.32
N VAL B 100 4.75 5.52 11.43
CA VAL B 100 4.39 6.03 12.75
C VAL B 100 3.05 5.45 13.18
N HIS B 101 2.08 5.39 12.27
CA HIS B 101 0.76 4.84 12.56
C HIS B 101 0.26 4.08 11.34
N ALA B 102 -0.67 3.16 11.59
CA ALA B 102 -1.42 2.49 10.54
C ALA B 102 -2.88 2.46 10.97
N ILE B 103 -3.71 3.27 10.31
CA ILE B 103 -5.10 3.46 10.72
C ILE B 103 -5.97 2.59 9.83
N PRO B 104 -6.64 1.56 10.37
CA PRO B 104 -7.56 0.78 9.55
C PRO B 104 -8.86 1.55 9.30
N LEU B 105 -9.24 1.66 8.03
CA LEU B 105 -10.43 2.39 7.65
C LEU B 105 -11.64 1.48 7.63
N ARG B 106 -12.78 1.99 8.12
CA ARG B 106 -14.01 1.21 8.07
C ARG B 106 -14.45 0.96 6.64
N SER B 107 -14.31 1.96 5.77
CA SER B 107 -14.60 1.83 4.35
C SER B 107 -13.31 1.95 3.56
N SER B 108 -13.02 0.95 2.73
CA SER B 108 -11.75 0.91 2.01
C SER B 108 -11.74 1.78 0.77
N TRP B 109 -12.87 2.35 0.38
CA TRP B 109 -12.96 3.12 -0.87
C TRP B 109 -12.60 4.58 -0.65
N VAL B 110 -11.45 4.81 -0.04
CA VAL B 110 -11.02 6.15 0.34
C VAL B 110 -10.50 6.87 -0.90
N MET B 111 -10.79 8.17 -0.99
CA MET B 111 -10.35 8.99 -2.11
C MET B 111 -9.48 10.17 -1.73
N THR B 112 -9.51 10.59 -0.47
CA THR B 112 -8.75 11.77 -0.04
C THR B 112 -8.25 11.55 1.38
N CYS B 113 -7.19 12.28 1.73
CA CYS B 113 -6.69 12.30 3.09
C CYS B 113 -6.07 13.67 3.34
N ALA B 114 -6.15 14.12 4.59
CA ALA B 114 -5.61 15.41 4.98
C ALA B 114 -4.93 15.31 6.33
N TYR B 115 -3.82 16.03 6.47
CA TYR B 115 -3.09 16.16 7.73
C TYR B 115 -3.39 17.53 8.33
N ALA B 116 -3.83 17.55 9.59
CA ALA B 116 -4.14 18.80 10.23
C ALA B 116 -2.87 19.63 10.41
N PRO B 117 -2.94 20.96 10.28
CA PRO B 117 -1.73 21.77 10.48
C PRO B 117 -1.15 21.66 11.88
N SER B 118 -1.98 21.37 12.89
CA SER B 118 -1.45 21.14 14.23
C SER B 118 -0.75 19.80 14.36
N GLY B 119 -1.07 18.85 13.49
CA GLY B 119 -0.49 17.53 13.57
C GLY B 119 -1.21 16.57 14.49
N ASN B 120 -2.29 17.00 15.13
CA ASN B 120 -3.01 16.17 16.09
C ASN B 120 -4.10 15.34 15.44
N TYR B 121 -4.47 15.64 14.20
CA TYR B 121 -5.58 14.96 13.53
C TYR B 121 -5.22 14.68 12.09
N VAL B 122 -5.83 13.62 11.56
CA VAL B 122 -5.84 13.35 10.13
C VAL B 122 -7.27 13.07 9.73
N ALA B 123 -7.58 13.30 8.47
CA ALA B 123 -8.93 13.13 7.93
C ALA B 123 -8.86 12.35 6.64
N CYS B 124 -9.93 11.63 6.35
CA CYS B 124 -10.02 10.87 5.11
C CYS B 124 -11.48 10.59 4.82
N GLY B 125 -11.75 10.17 3.59
CA GLY B 125 -13.08 9.81 3.19
C GLY B 125 -13.16 9.52 1.70
N GLY B 126 -14.13 8.71 1.30
CA GLY B 126 -14.24 8.35 -0.10
C GLY B 126 -15.66 8.13 -0.57
N LEU B 127 -15.89 6.98 -1.21
CA LEU B 127 -17.19 6.61 -1.73
C LEU B 127 -18.24 6.40 -0.65
N ASP B 128 -17.85 6.38 0.62
CA ASP B 128 -18.80 6.24 1.72
C ASP B 128 -19.49 7.55 2.09
N ASN B 129 -19.16 8.66 1.42
CA ASN B 129 -19.80 9.96 1.62
C ASN B 129 -19.56 10.53 3.01
N ILE B 130 -18.50 10.10 3.69
CA ILE B 130 -18.23 10.48 5.07
C ILE B 130 -16.81 11.03 5.15
N CYS B 131 -16.63 12.10 5.90
CA CYS B 131 -15.31 12.60 6.26
C CYS B 131 -15.04 12.21 7.71
N SER B 132 -14.10 11.28 7.91
CA SER B 132 -13.78 10.77 9.22
C SER B 132 -12.56 11.49 9.78
N ILE B 133 -12.67 11.95 11.03
CA ILE B 133 -11.58 12.64 11.71
C ILE B 133 -10.96 11.66 12.70
N TYR B 134 -9.64 11.53 12.66
CA TYR B 134 -8.91 10.61 13.53
C TYR B 134 -8.01 11.39 14.46
N ASN B 135 -8.08 11.08 15.75
CA ASN B 135 -7.25 11.72 16.75
C ASN B 135 -5.94 10.96 16.89
N LEU B 136 -4.82 11.65 16.64
CA LEU B 136 -3.51 11.03 16.70
C LEU B 136 -2.87 11.09 18.08
N LYS B 137 -3.33 11.99 18.94
CA LYS B 137 -2.73 12.21 20.26
C LYS B 137 -3.78 11.84 21.32
N THR B 138 -3.81 10.57 21.68
CA THR B 138 -4.71 10.08 22.73
C THR B 138 -3.89 9.50 23.88
N ARG B 139 -4.46 9.59 25.09
CA ARG B 139 -3.81 8.98 26.24
C ARG B 139 -3.77 7.47 26.17
N GLU B 140 -4.61 6.86 25.33
CA GLU B 140 -4.64 5.41 25.20
C GLU B 140 -3.55 4.88 24.28
N GLY B 141 -2.87 5.75 23.53
CA GLY B 141 -1.77 5.34 22.70
C GLY B 141 -2.15 4.83 21.33
N ASN B 142 -3.42 4.90 20.95
CA ASN B 142 -3.87 4.45 19.64
C ASN B 142 -4.65 5.55 18.96
N VAL B 143 -4.74 5.46 17.63
CA VAL B 143 -5.55 6.40 16.85
C VAL B 143 -6.99 5.93 16.87
N ARG B 144 -7.91 6.84 17.21
CA ARG B 144 -9.33 6.55 17.24
C ARG B 144 -10.08 7.56 16.40
N VAL B 145 -11.23 7.14 15.88
CA VAL B 145 -12.14 8.05 15.19
C VAL B 145 -12.73 9.03 16.20
N SER B 146 -12.57 10.33 15.93
CA SER B 146 -13.16 11.35 16.78
C SER B 146 -14.45 11.92 16.23
N ARG B 147 -14.61 11.97 14.90
CA ARG B 147 -15.82 12.49 14.29
C ARG B 147 -16.02 11.84 12.93
N GLU B 148 -17.27 11.60 12.57
CA GLU B 148 -17.66 11.21 11.22
C GLU B 148 -18.64 12.26 10.69
N LEU B 149 -18.21 13.02 9.69
CA LEU B 149 -18.98 14.13 9.17
C LEU B 149 -19.89 13.63 8.05
N ALA B 150 -21.17 13.49 8.36
CA ALA B 150 -22.18 13.07 7.41
C ALA B 150 -23.00 14.26 6.92
N GLY B 151 -23.53 14.15 5.71
CA GLY B 151 -24.26 15.24 5.12
C GLY B 151 -24.09 15.37 3.62
N HIS B 152 -22.96 14.94 3.10
CA HIS B 152 -22.78 14.89 1.65
C HIS B 152 -23.58 13.73 1.08
N THR B 153 -24.19 13.96 -0.10
CA THR B 153 -24.95 12.94 -0.80
C THR B 153 -24.17 12.33 -1.95
N GLY B 154 -22.87 12.63 -2.05
CA GLY B 154 -22.00 12.02 -3.03
C GLY B 154 -20.67 11.66 -2.39
N TYR B 155 -19.80 11.05 -3.19
CA TYR B 155 -18.51 10.63 -2.67
C TYR B 155 -17.67 11.82 -2.25
N LEU B 156 -16.82 11.61 -1.25
CA LEU B 156 -15.91 12.65 -0.80
C LEU B 156 -14.66 12.63 -1.67
N SER B 157 -14.39 13.75 -2.34
CA SER B 157 -13.27 13.83 -3.26
C SER B 157 -12.05 14.51 -2.68
N CYS B 158 -12.23 15.49 -1.80
CA CYS B 158 -11.10 16.18 -1.19
C CYS B 158 -11.54 16.78 0.14
N CYS B 159 -10.57 16.96 1.04
CA CYS B 159 -10.81 17.57 2.34
C CYS B 159 -9.54 18.27 2.79
N ARG B 160 -9.71 19.40 3.47
CA ARG B 160 -8.57 20.17 3.98
C ARG B 160 -8.94 20.82 5.31
N PHE B 161 -8.08 20.65 6.30
CA PHE B 161 -8.27 21.30 7.59
C PHE B 161 -7.99 22.79 7.50
N LEU B 162 -8.82 23.59 8.15
CA LEU B 162 -8.49 24.98 8.43
C LEU B 162 -7.79 25.11 9.77
N ASP B 163 -8.28 24.37 10.76
CA ASP B 163 -7.67 24.26 12.08
C ASP B 163 -8.17 22.97 12.69
N ASP B 164 -7.97 22.81 14.00
CA ASP B 164 -8.40 21.58 14.66
C ASP B 164 -9.92 21.45 14.73
N ASN B 165 -10.65 22.53 14.50
CA ASN B 165 -12.11 22.51 14.63
C ASN B 165 -12.84 22.70 13.31
N GLN B 166 -12.17 23.16 12.25
CA GLN B 166 -12.81 23.40 10.97
C GLN B 166 -12.13 22.61 9.86
N ILE B 167 -12.94 22.08 8.94
CA ILE B 167 -12.43 21.38 7.77
C ILE B 167 -13.36 21.66 6.61
N VAL B 168 -12.80 21.78 5.41
CA VAL B 168 -13.56 21.99 4.18
C VAL B 168 -13.48 20.70 3.36
N THR B 169 -14.63 20.25 2.88
CA THR B 169 -14.72 19.04 2.05
C THR B 169 -15.39 19.37 0.72
N SER B 170 -14.90 18.76 -0.34
CA SER B 170 -15.55 18.80 -1.65
C SER B 170 -16.08 17.41 -1.97
N SER B 171 -17.25 17.36 -2.61
CA SER B 171 -17.93 16.10 -2.84
C SER B 171 -18.32 15.97 -4.30
N GLY B 172 -18.72 14.76 -4.68
CA GLY B 172 -19.28 14.48 -5.97
C GLY B 172 -20.73 14.84 -6.13
N ASP B 173 -21.37 15.36 -5.09
CA ASP B 173 -22.73 15.88 -5.18
C ASP B 173 -22.75 17.35 -5.61
N THR B 174 -21.67 17.84 -6.21
CA THR B 174 -21.53 19.16 -6.82
C THR B 174 -21.40 20.28 -5.79
N THR B 175 -21.26 19.97 -4.52
CA THR B 175 -21.18 20.99 -3.48
C THR B 175 -19.93 20.79 -2.62
N CYS B 176 -19.43 21.90 -2.08
CA CYS B 176 -18.43 21.89 -1.03
C CYS B 176 -19.06 22.33 0.27
N ALA B 177 -18.48 21.89 1.39
CA ALA B 177 -19.02 22.23 2.69
C ALA B 177 -17.90 22.61 3.64
N LEU B 178 -18.20 23.56 4.52
CA LEU B 178 -17.34 23.89 5.65
C LEU B 178 -17.96 23.31 6.91
N TRP B 179 -17.16 22.57 7.67
CA TRP B 179 -17.67 21.80 8.80
C TRP B 179 -17.14 22.35 10.12
N ASP B 180 -17.97 22.30 11.14
CA ASP B 180 -17.55 22.47 12.52
C ASP B 180 -17.36 21.08 13.11
N ILE B 181 -16.10 20.71 13.36
CA ILE B 181 -15.79 19.34 13.75
C ILE B 181 -16.38 19.02 15.12
N GLU B 182 -16.34 19.98 16.03
CA GLU B 182 -16.80 19.71 17.40
C GLU B 182 -18.30 19.41 17.42
N THR B 183 -19.09 20.16 16.67
CA THR B 183 -20.53 19.91 16.62
C THR B 183 -20.93 18.93 15.53
N GLY B 184 -20.03 18.62 14.59
CA GLY B 184 -20.34 17.66 13.55
C GLY B 184 -21.26 18.16 12.47
N GLN B 185 -21.54 19.46 12.43
CA GLN B 185 -22.47 20.04 11.47
C GLN B 185 -21.72 20.92 10.48
N GLN B 186 -22.20 20.96 9.25
CA GLN B 186 -21.62 21.83 8.23
C GLN B 186 -22.19 23.23 8.37
N THR B 187 -21.34 24.18 8.76
CA THR B 187 -21.81 25.55 8.98
C THR B 187 -22.14 26.23 7.66
N THR B 188 -21.35 26.00 6.61
CA THR B 188 -21.55 26.62 5.33
C THR B 188 -21.55 25.57 4.22
N THR B 189 -22.44 25.74 3.25
CA THR B 189 -22.51 24.88 2.08
C THR B 189 -22.22 25.73 0.85
N PHE B 190 -21.29 25.28 0.01
CA PHE B 190 -20.87 26.02 -1.17
C PHE B 190 -21.46 25.33 -2.39
N THR B 191 -22.48 25.94 -2.98
CA THR B 191 -23.19 25.40 -4.14
C THR B 191 -22.96 26.28 -5.35
N GLY B 192 -23.05 25.68 -6.53
CA GLY B 192 -22.90 26.42 -7.77
C GLY B 192 -22.22 25.62 -8.86
N HIS B 193 -21.50 24.58 -8.50
CA HIS B 193 -20.93 23.67 -9.49
C HIS B 193 -22.02 22.79 -10.07
N THR B 194 -21.97 22.59 -11.38
CA THR B 194 -22.92 21.71 -12.07
C THR B 194 -22.38 20.31 -12.27
N GLY B 195 -21.16 20.04 -11.83
CA GLY B 195 -20.58 18.71 -11.91
C GLY B 195 -19.92 18.31 -10.60
N ASP B 196 -19.40 17.09 -10.59
CA ASP B 196 -18.72 16.57 -9.41
C ASP B 196 -17.47 17.39 -9.12
N VAL B 197 -17.39 17.94 -7.91
CA VAL B 197 -16.19 18.66 -7.49
C VAL B 197 -15.11 17.65 -7.16
N MET B 198 -13.98 17.75 -7.86
CA MET B 198 -12.93 16.75 -7.75
C MET B 198 -11.78 17.15 -6.85
N SER B 199 -11.58 18.45 -6.62
CA SER B 199 -10.44 18.89 -5.84
C SER B 199 -10.75 20.26 -5.24
N LEU B 200 -9.97 20.61 -4.22
CA LEU B 200 -10.00 21.95 -3.65
C LEU B 200 -8.61 22.31 -3.14
N SER B 201 -8.32 23.60 -3.09
CA SER B 201 -7.08 24.10 -2.52
C SER B 201 -7.38 25.28 -1.61
N LEU B 202 -6.73 25.32 -0.45
CA LEU B 202 -6.90 26.41 0.50
C LEU B 202 -5.89 27.51 0.23
N ALA B 203 -6.34 28.75 0.37
CA ALA B 203 -5.42 29.87 0.32
C ALA B 203 -4.53 29.87 1.56
N PRO B 204 -3.32 30.43 1.46
CA PRO B 204 -2.40 30.40 2.60
C PRO B 204 -2.96 31.03 3.87
N ASP B 205 -3.79 32.06 3.77
CA ASP B 205 -4.43 32.66 4.92
C ASP B 205 -5.73 31.96 5.32
N THR B 206 -6.15 30.94 4.57
CA THR B 206 -7.35 30.15 4.86
C THR B 206 -8.61 31.01 4.92
N ARG B 207 -8.62 32.12 4.18
CA ARG B 207 -9.82 32.93 4.02
C ARG B 207 -10.54 32.65 2.72
N LEU B 208 -9.88 32.04 1.75
CA LEU B 208 -10.47 31.68 0.46
C LEU B 208 -10.06 30.26 0.12
N PHE B 209 -10.82 29.64 -0.77
CA PHE B 209 -10.40 28.38 -1.35
C PHE B 209 -10.99 28.25 -2.76
N VAL B 210 -10.22 27.60 -3.63
CA VAL B 210 -10.64 27.33 -4.99
C VAL B 210 -11.01 25.86 -5.10
N SER B 211 -12.00 25.56 -5.95
CA SER B 211 -12.41 24.18 -6.19
C SER B 211 -12.56 23.95 -7.69
N GLY B 212 -12.16 22.77 -8.13
CA GLY B 212 -12.30 22.36 -9.52
C GLY B 212 -13.27 21.19 -9.62
N ALA B 213 -14.19 21.28 -10.58
CA ALA B 213 -15.24 20.28 -10.75
C ALA B 213 -15.14 19.65 -12.13
N CYS B 214 -16.10 18.76 -12.41
CA CYS B 214 -16.18 18.08 -13.70
C CYS B 214 -16.94 18.89 -14.75
N ASP B 215 -17.45 20.06 -14.41
CA ASP B 215 -17.95 20.99 -15.40
C ASP B 215 -16.86 21.85 -16.01
N ALA B 216 -15.61 21.45 -15.86
CA ALA B 216 -14.45 22.12 -16.47
C ALA B 216 -14.30 23.56 -15.99
N SER B 217 -14.76 23.87 -14.79
CA SER B 217 -14.70 25.22 -14.26
C SER B 217 -14.13 25.21 -12.86
N ALA B 218 -13.45 26.30 -12.50
CA ALA B 218 -12.88 26.50 -11.17
C ALA B 218 -13.53 27.72 -10.54
N LYS B 219 -14.05 27.55 -9.34
CA LYS B 219 -14.73 28.62 -8.62
C LYS B 219 -13.93 29.03 -7.38
N LEU B 220 -13.85 30.33 -7.14
CA LEU B 220 -13.19 30.89 -5.97
C LEU B 220 -14.26 31.20 -4.93
N TRP B 221 -14.12 30.62 -3.74
CA TRP B 221 -15.12 30.75 -2.69
C TRP B 221 -14.56 31.54 -1.52
N ASP B 222 -15.40 32.36 -0.91
CA ASP B 222 -15.06 33.03 0.34
C ASP B 222 -15.52 32.15 1.49
N VAL B 223 -14.58 31.81 2.38
CA VAL B 223 -14.89 30.88 3.47
C VAL B 223 -15.87 31.52 4.45
N ARG B 224 -15.58 32.76 4.87
CA ARG B 224 -16.41 33.41 5.87
C ARG B 224 -17.75 33.82 5.29
N GLU B 225 -17.74 34.45 4.10
CA GLU B 225 -18.98 34.94 3.52
C GLU B 225 -19.82 33.79 2.97
N GLY B 226 -19.19 32.79 2.40
CA GLY B 226 -19.89 31.59 1.97
C GLY B 226 -20.47 31.62 0.57
N MET B 227 -20.03 32.55 -0.27
CA MET B 227 -20.51 32.64 -1.65
C MET B 227 -19.34 32.52 -2.62
N CYS B 228 -19.68 32.27 -3.89
CA CYS B 228 -18.69 32.19 -4.94
C CYS B 228 -18.32 33.59 -5.40
N ARG B 229 -17.03 33.93 -5.31
CA ARG B 229 -16.57 35.24 -5.73
C ARG B 229 -16.31 35.29 -7.23
N GLN B 230 -15.59 34.31 -7.76
CA GLN B 230 -15.22 34.30 -9.17
C GLN B 230 -15.32 32.89 -9.72
N THR B 231 -15.56 32.79 -11.03
CA THR B 231 -15.62 31.53 -11.74
C THR B 231 -14.60 31.54 -12.86
N PHE B 232 -13.80 30.48 -12.95
CA PHE B 232 -12.73 30.38 -13.94
C PHE B 232 -13.01 29.23 -14.88
N THR B 233 -13.10 29.53 -16.17
CA THR B 233 -13.32 28.53 -17.20
C THR B 233 -12.17 28.55 -18.19
N GLY B 234 -12.15 27.57 -19.08
CA GLY B 234 -11.09 27.44 -20.06
C GLY B 234 -10.65 26.02 -20.30
N HIS B 235 -10.85 25.15 -19.32
CA HIS B 235 -10.59 23.73 -19.54
C HIS B 235 -11.66 23.12 -20.43
N GLU B 236 -11.30 22.04 -21.13
CA GLU B 236 -12.21 21.35 -22.02
C GLU B 236 -12.74 20.05 -21.44
N SER B 237 -12.23 19.61 -20.29
CA SER B 237 -12.68 18.37 -19.68
C SER B 237 -12.65 18.54 -18.17
N ASP B 238 -12.96 17.45 -17.46
CA ASP B 238 -13.06 17.50 -16.01
C ASP B 238 -11.74 17.97 -15.39
N ILE B 239 -11.85 18.86 -14.41
CA ILE B 239 -10.69 19.28 -13.63
C ILE B 239 -10.47 18.27 -12.52
N ASN B 240 -9.25 17.74 -12.42
CA ASN B 240 -8.92 16.75 -11.42
C ASN B 240 -8.06 17.28 -10.29
N ALA B 241 -7.35 18.38 -10.49
CA ALA B 241 -6.40 18.87 -9.52
C ALA B 241 -6.39 20.39 -9.54
N ILE B 242 -6.03 20.97 -8.40
CA ILE B 242 -6.00 22.42 -8.24
C ILE B 242 -5.06 22.75 -7.09
N CYS B 243 -4.33 23.85 -7.21
CA CYS B 243 -3.34 24.21 -6.21
C CYS B 243 -3.13 25.72 -6.22
N PHE B 244 -3.16 26.33 -5.05
CA PHE B 244 -2.92 27.76 -4.92
C PHE B 244 -1.45 28.09 -5.12
N PHE B 245 -1.20 29.24 -5.74
CA PHE B 245 0.14 29.80 -5.80
C PHE B 245 0.58 30.22 -4.40
N PRO B 246 1.88 30.13 -4.09
CA PRO B 246 2.33 30.37 -2.71
C PRO B 246 1.96 31.73 -2.14
N ASN B 247 1.76 32.75 -2.97
CA ASN B 247 1.35 34.05 -2.44
C ASN B 247 -0.17 34.20 -2.34
N GLY B 248 -0.94 33.22 -2.82
CA GLY B 248 -2.37 33.23 -2.70
C GLY B 248 -3.11 34.03 -3.76
N ASN B 249 -2.41 34.64 -4.70
CA ASN B 249 -3.03 35.47 -5.73
C ASN B 249 -3.27 34.73 -7.03
N ALA B 250 -2.96 33.44 -7.09
CA ALA B 250 -3.16 32.67 -8.31
C ALA B 250 -3.31 31.20 -7.93
N PHE B 251 -3.78 30.41 -8.89
CA PHE B 251 -3.87 28.97 -8.71
C PHE B 251 -3.70 28.28 -10.06
N ALA B 252 -3.27 27.03 -10.01
CA ALA B 252 -3.11 26.20 -11.19
C ALA B 252 -4.05 25.00 -11.12
N THR B 253 -4.55 24.58 -12.28
CA THR B 253 -5.46 23.45 -12.36
C THR B 253 -4.89 22.38 -13.28
N GLY B 254 -5.36 21.16 -13.10
CA GLY B 254 -5.04 20.07 -14.00
C GLY B 254 -6.29 19.33 -14.41
N SER B 255 -6.43 19.06 -15.70
CA SER B 255 -7.64 18.45 -16.24
C SER B 255 -7.31 17.17 -16.99
N ASP B 256 -8.35 16.51 -17.48
CA ASP B 256 -8.20 15.32 -18.30
C ASP B 256 -7.80 15.63 -19.74
N ASP B 257 -7.78 16.90 -20.13
CA ASP B 257 -7.39 17.30 -21.47
C ASP B 257 -5.89 17.48 -21.61
N ALA B 258 -5.10 16.92 -20.69
CA ALA B 258 -3.64 16.92 -20.75
C ALA B 258 -3.04 18.32 -20.67
N THR B 259 -3.74 19.25 -20.02
CA THR B 259 -3.27 20.62 -19.89
C THR B 259 -3.33 21.07 -18.45
N CYS B 260 -2.40 21.96 -18.09
CA CYS B 260 -2.43 22.71 -16.84
C CYS B 260 -2.54 24.19 -17.15
N ARG B 261 -3.40 24.89 -16.44
CA ARG B 261 -3.63 26.30 -16.68
C ARG B 261 -3.40 27.09 -15.39
N LEU B 262 -2.79 28.26 -15.52
CA LEU B 262 -2.54 29.15 -14.39
C LEU B 262 -3.52 30.31 -14.47
N PHE B 263 -4.45 30.36 -13.53
CA PHE B 263 -5.43 31.43 -13.43
C PHE B 263 -5.02 32.42 -12.36
N ASP B 264 -5.31 33.70 -12.61
CA ASP B 264 -5.01 34.77 -11.66
C ASP B 264 -6.31 35.22 -11.00
N LEU B 265 -6.29 35.39 -9.68
CA LEU B 265 -7.49 35.82 -8.96
C LEU B 265 -7.84 37.27 -9.29
N ARG B 266 -6.85 38.16 -9.23
CA ARG B 266 -7.13 39.58 -9.38
C ARG B 266 -7.39 39.96 -10.84
N ALA B 267 -6.66 39.35 -11.77
CA ALA B 267 -6.94 39.55 -13.18
C ALA B 267 -8.14 38.75 -13.65
N ASP B 268 -8.59 37.77 -12.86
CA ASP B 268 -9.84 37.04 -13.11
C ASP B 268 -9.83 36.34 -14.47
N GLN B 269 -8.69 35.77 -14.84
CA GLN B 269 -8.58 35.10 -16.13
C GLN B 269 -7.36 34.19 -16.13
N GLU B 270 -7.31 33.32 -17.13
CA GLU B 270 -6.16 32.43 -17.33
C GLU B 270 -4.94 33.24 -17.78
N LEU B 271 -3.77 32.85 -17.28
CA LEU B 271 -2.52 33.51 -17.62
C LEU B 271 -1.59 32.65 -18.47
N MET B 272 -1.62 31.34 -18.33
CA MET B 272 -0.65 30.50 -19.00
C MET B 272 -1.18 29.07 -19.07
N THR B 273 -0.83 28.37 -20.16
CA THR B 273 -1.20 26.99 -20.36
C THR B 273 0.05 26.13 -20.41
N TYR B 274 0.01 24.99 -19.74
CA TYR B 274 1.14 24.07 -19.63
C TYR B 274 0.73 22.76 -20.30
N SER B 275 1.05 22.62 -21.59
CA SER B 275 0.72 21.42 -22.33
C SER B 275 1.82 21.11 -23.32
N HIS B 276 1.91 19.85 -23.71
CA HIS B 276 2.88 19.38 -24.68
C HIS B 276 2.17 18.49 -25.69
N ASP B 277 2.73 18.43 -26.90
CA ASP B 277 2.12 17.61 -27.95
C ASP B 277 2.21 16.13 -27.63
N ASN B 278 3.30 15.70 -27.00
CA ASN B 278 3.44 14.30 -26.61
C ASN B 278 2.44 13.92 -25.52
N ILE B 279 2.03 14.87 -24.68
CA ILE B 279 1.17 14.57 -23.54
C ILE B 279 -0.27 14.49 -24.02
N ILE B 280 -0.87 13.31 -23.88
CA ILE B 280 -2.25 13.09 -24.29
C ILE B 280 -3.03 12.44 -23.17
N CYS B 281 -2.42 12.33 -22.00
CA CYS B 281 -3.04 11.68 -20.86
C CYS B 281 -3.54 12.71 -19.86
N GLY B 282 -4.47 12.26 -19.00
CA GLY B 282 -5.03 13.15 -18.01
C GLY B 282 -4.05 13.48 -16.90
N ILE B 283 -4.34 14.57 -16.20
CA ILE B 283 -3.53 15.04 -15.09
C ILE B 283 -4.28 14.75 -13.80
N THR B 284 -3.57 14.21 -12.81
CA THR B 284 -4.18 13.79 -11.56
C THR B 284 -3.89 14.72 -10.40
N SER B 285 -2.72 15.36 -10.37
CA SER B 285 -2.30 16.14 -9.22
C SER B 285 -1.39 17.26 -9.68
N VAL B 286 -1.45 18.39 -8.98
CA VAL B 286 -0.61 19.54 -9.25
C VAL B 286 -0.15 20.13 -7.94
N SER B 287 1.06 20.70 -7.94
CA SER B 287 1.59 21.37 -6.77
C SER B 287 2.66 22.36 -7.21
N PHE B 288 2.96 23.30 -6.34
CA PHE B 288 4.00 24.29 -6.57
C PHE B 288 5.17 24.09 -5.63
N SER B 289 6.35 24.51 -6.08
CA SER B 289 7.50 24.60 -5.19
C SER B 289 7.33 25.79 -4.25
N LYS B 290 8.25 25.89 -3.29
CA LYS B 290 8.11 26.88 -2.23
C LYS B 290 8.09 28.30 -2.78
N SER B 291 8.95 28.58 -3.77
CA SER B 291 8.94 29.88 -4.41
C SER B 291 7.88 30.01 -5.48
N GLY B 292 7.21 28.93 -5.86
CA GLY B 292 6.20 28.96 -6.90
C GLY B 292 6.75 28.93 -8.31
N ARG B 293 8.07 28.87 -8.47
CA ARG B 293 8.66 28.89 -9.80
C ARG B 293 8.43 27.57 -10.54
N LEU B 294 8.27 26.48 -9.81
CA LEU B 294 8.07 25.17 -10.42
C LEU B 294 6.64 24.71 -10.20
N LEU B 295 6.04 24.18 -11.26
CA LEU B 295 4.72 23.55 -11.20
C LEU B 295 4.91 22.07 -11.48
N LEU B 296 4.65 21.22 -10.50
CA LEU B 296 4.79 19.79 -10.63
C LEU B 296 3.42 19.17 -10.84
N ALA B 297 3.30 18.34 -11.87
CA ALA B 297 2.02 17.73 -12.23
C ALA B 297 2.20 16.23 -12.40
N GLY B 298 1.26 15.47 -11.85
CA GLY B 298 1.23 14.02 -12.03
C GLY B 298 0.29 13.64 -13.16
N TYR B 299 0.67 12.60 -13.89
CA TYR B 299 0.02 12.25 -15.14
C TYR B 299 -0.37 10.78 -15.13
N ASP B 300 -1.27 10.42 -16.06
CA ASP B 300 -1.66 9.05 -16.27
C ASP B 300 -0.58 8.20 -16.92
N ASP B 301 0.39 8.84 -17.60
CA ASP B 301 1.44 8.10 -18.30
C ASP B 301 2.58 7.67 -17.40
N PHE B 302 2.32 7.56 -16.09
CA PHE B 302 3.21 7.04 -15.06
C PHE B 302 4.30 8.03 -14.67
N ASN B 303 4.24 9.26 -15.17
CA ASN B 303 5.31 10.22 -14.97
C ASN B 303 4.80 11.47 -14.26
N CYS B 304 5.74 12.22 -13.69
CA CYS B 304 5.48 13.53 -13.11
C CYS B 304 6.35 14.54 -13.84
N ASN B 305 5.71 15.52 -14.48
CA ASN B 305 6.41 16.53 -15.26
C ASN B 305 6.58 17.81 -14.44
N VAL B 306 7.81 18.29 -14.35
CA VAL B 306 8.10 19.55 -13.68
C VAL B 306 8.10 20.66 -14.71
N TRP B 307 7.21 21.63 -14.54
CA TRP B 307 7.07 22.73 -15.48
C TRP B 307 7.69 24.00 -14.89
N ASP B 308 8.17 24.86 -15.77
CA ASP B 308 8.52 26.23 -15.40
C ASP B 308 7.23 27.04 -15.37
N ALA B 309 6.83 27.48 -14.18
CA ALA B 309 5.56 28.18 -14.05
C ALA B 309 5.54 29.47 -14.84
N LEU B 310 6.64 30.21 -14.83
CA LEU B 310 6.67 31.51 -15.49
C LEU B 310 6.80 31.37 -17.01
N LYS B 311 7.59 30.43 -17.50
CA LYS B 311 7.91 30.34 -18.91
C LYS B 311 7.24 29.17 -19.62
N ALA B 312 6.46 28.35 -18.91
CA ALA B 312 5.73 27.22 -19.51
C ALA B 312 6.67 26.25 -20.23
N ASP B 313 7.83 26.02 -19.64
CA ASP B 313 8.81 25.06 -20.15
C ASP B 313 8.85 23.85 -19.25
N ARG B 314 8.91 22.66 -19.85
CA ARG B 314 9.04 21.44 -19.06
C ARG B 314 10.46 21.35 -18.53
N ALA B 315 10.61 21.63 -17.23
CA ALA B 315 11.93 21.70 -16.61
C ALA B 315 12.52 20.31 -16.37
N GLY B 316 11.69 19.33 -16.05
CA GLY B 316 12.21 18.00 -15.78
C GLY B 316 11.09 16.99 -15.71
N VAL B 317 11.48 15.73 -15.48
CA VAL B 317 10.56 14.60 -15.42
C VAL B 317 10.91 13.76 -14.20
N LEU B 318 9.90 13.38 -13.43
CA LEU B 318 10.06 12.40 -12.37
C LEU B 318 9.49 11.09 -12.88
N ALA B 319 10.37 10.16 -13.25
CA ALA B 319 9.98 8.86 -13.80
C ALA B 319 10.44 7.80 -12.81
N GLY B 320 9.55 7.42 -11.90
CA GLY B 320 9.88 6.39 -10.93
C GLY B 320 8.72 5.50 -10.55
N HIS B 321 7.66 5.49 -11.35
CA HIS B 321 6.49 4.68 -11.04
C HIS B 321 6.08 3.86 -12.25
N ASP B 322 5.53 2.68 -11.98
CA ASP B 322 5.08 1.75 -13.02
C ASP B 322 3.58 1.78 -13.22
N ASN B 323 2.88 2.70 -12.56
CA ASN B 323 1.45 2.86 -12.77
C ASN B 323 1.12 4.35 -12.64
N ARG B 324 -0.17 4.66 -12.63
CA ARG B 324 -0.62 6.04 -12.59
C ARG B 324 -0.06 6.76 -11.37
N VAL B 325 0.44 7.98 -11.59
CA VAL B 325 0.71 8.89 -10.49
C VAL B 325 -0.61 9.52 -10.04
N SER B 326 -1.09 9.09 -8.88
CA SER B 326 -2.41 9.50 -8.40
C SER B 326 -2.37 10.77 -7.56
N CYS B 327 -1.23 11.10 -6.96
CA CYS B 327 -1.16 12.23 -6.05
C CYS B 327 0.29 12.65 -5.90
N LEU B 328 0.47 13.92 -5.51
CA LEU B 328 1.79 14.42 -5.17
C LEU B 328 1.64 15.61 -4.23
N GLY B 329 2.74 15.95 -3.56
CA GLY B 329 2.74 17.09 -2.66
C GLY B 329 4.14 17.54 -2.34
N VAL B 330 4.28 18.84 -2.10
CA VAL B 330 5.56 19.46 -1.80
C VAL B 330 5.53 19.91 -0.35
N THR B 331 6.63 19.70 0.37
CA THR B 331 6.71 20.05 1.78
C THR B 331 6.59 21.55 1.98
N ASP B 332 6.22 21.93 3.21
CA ASP B 332 6.08 23.34 3.54
C ASP B 332 7.40 24.08 3.47
N ASP B 333 8.51 23.43 3.85
CA ASP B 333 9.82 24.05 3.73
C ASP B 333 10.39 23.96 2.32
N GLY B 334 9.71 23.26 1.41
CA GLY B 334 10.16 23.17 0.03
C GLY B 334 11.30 22.20 -0.20
N MET B 335 11.63 21.36 0.77
CA MET B 335 12.84 20.55 0.67
C MET B 335 12.64 19.37 -0.28
N ALA B 336 11.45 18.78 -0.30
CA ALA B 336 11.23 17.57 -1.07
C ALA B 336 9.82 17.55 -1.61
N VAL B 337 9.60 16.66 -2.58
CA VAL B 337 8.28 16.41 -3.15
C VAL B 337 8.00 14.92 -3.05
N ALA B 338 6.79 14.58 -2.62
CA ALA B 338 6.36 13.19 -2.53
C ALA B 338 5.40 12.89 -3.67
N THR B 339 5.54 11.71 -4.26
CA THR B 339 4.63 11.25 -5.30
C THR B 339 4.03 9.91 -4.88
N GLY B 340 2.71 9.82 -4.90
CA GLY B 340 2.01 8.58 -4.67
C GLY B 340 1.47 8.05 -5.98
N SER B 341 1.30 6.73 -6.06
CA SER B 341 0.99 6.11 -7.33
C SER B 341 0.13 4.88 -7.12
N TRP B 342 -0.53 4.47 -8.21
CA TRP B 342 -1.30 3.24 -8.23
C TRP B 342 -0.44 1.98 -8.10
N ASP B 343 0.88 2.11 -8.23
CA ASP B 343 1.76 0.97 -8.04
C ASP B 343 2.03 0.67 -6.56
N SER B 344 1.35 1.38 -5.66
CA SER B 344 1.35 1.16 -4.21
C SER B 344 2.60 1.69 -3.52
N PHE B 345 3.36 2.56 -4.17
CA PHE B 345 4.58 3.11 -3.60
C PHE B 345 4.49 4.61 -3.48
N LEU B 346 5.18 5.15 -2.47
CA LEU B 346 5.42 6.58 -2.34
C LEU B 346 6.91 6.84 -2.49
N LYS B 347 7.26 7.90 -3.20
CA LYS B 347 8.65 8.25 -3.42
C LYS B 347 8.89 9.71 -3.07
N ILE B 348 10.05 9.97 -2.48
CA ILE B 348 10.46 11.32 -2.08
C ILE B 348 11.58 11.75 -3.01
N TRP B 349 11.44 12.93 -3.59
CA TRP B 349 12.38 13.43 -4.59
C TRP B 349 12.94 14.77 -4.14
N ASN B 350 14.23 14.99 -4.43
CA ASN B 350 14.82 16.31 -4.43
C ASN B 350 16.11 16.25 -5.22
N GLY B 351 16.64 17.42 -5.56
CA GLY B 351 17.85 17.51 -6.35
C GLY B 351 19.10 17.50 -5.52
N SER B 352 20.24 17.55 -6.20
CA SER B 352 21.54 17.63 -5.56
C SER B 352 22.40 18.66 -6.28
N SER B 353 23.27 19.31 -5.52
CA SER B 353 24.16 20.32 -6.08
C SER B 353 25.18 19.70 -7.03
N THR C 6 -42.22 25.60 -11.49
CA THR C 6 -41.52 26.87 -11.34
C THR C 6 -40.11 26.67 -10.80
N ALA C 7 -39.56 25.47 -11.03
CA ALA C 7 -38.20 25.20 -10.59
C ALA C 7 -37.17 25.91 -11.48
N SER C 8 -37.39 25.89 -12.80
CA SER C 8 -36.45 26.50 -13.72
C SER C 8 -36.41 28.01 -13.54
N ILE C 9 -37.55 28.65 -13.35
CA ILE C 9 -37.58 30.10 -13.20
C ILE C 9 -36.89 30.52 -11.91
N ALA C 10 -37.04 29.72 -10.85
CA ALA C 10 -36.34 30.02 -9.60
C ALA C 10 -34.83 29.87 -9.76
N GLN C 11 -34.39 28.83 -10.48
CA GLN C 11 -32.96 28.64 -10.72
C GLN C 11 -32.41 29.74 -11.61
N ALA C 12 -33.20 30.23 -12.57
CA ALA C 12 -32.73 31.27 -13.46
C ALA C 12 -32.43 32.56 -12.71
N ARG C 13 -33.29 32.91 -11.75
CA ARG C 13 -33.05 34.13 -10.97
C ARG C 13 -31.76 34.03 -10.17
N LYS C 14 -31.49 32.86 -9.59
CA LYS C 14 -30.27 32.70 -8.80
C LYS C 14 -29.02 32.79 -9.68
N LEU C 15 -29.04 32.14 -10.86
CA LEU C 15 -27.89 32.19 -11.74
C LEU C 15 -27.63 33.60 -12.26
N VAL C 16 -28.69 34.33 -12.61
CA VAL C 16 -28.53 35.70 -13.06
C VAL C 16 -27.99 36.58 -11.93
N GLU C 17 -28.51 36.38 -10.72
CA GLU C 17 -28.06 37.19 -9.59
C GLU C 17 -26.58 36.92 -9.28
N GLN C 18 -26.15 35.68 -9.42
CA GLN C 18 -24.74 35.36 -9.18
C GLN C 18 -23.83 36.03 -10.20
N LEU C 19 -24.24 36.04 -11.48
CA LEU C 19 -23.41 36.64 -12.51
C LEU C 19 -23.26 38.15 -12.31
N LYS C 20 -24.24 38.79 -11.66
CA LYS C 20 -24.10 40.21 -11.36
C LYS C 20 -22.98 40.47 -10.37
N MET C 21 -22.86 39.62 -9.34
CA MET C 21 -21.79 39.79 -8.36
C MET C 21 -20.42 39.60 -8.99
N GLU C 22 -20.28 38.61 -9.87
CA GLU C 22 -18.98 38.34 -10.48
C GLU C 22 -18.60 39.42 -11.50
N ALA C 23 -19.59 40.07 -12.10
CA ALA C 23 -19.31 41.08 -13.11
C ALA C 23 -18.95 42.44 -12.52
N ASN C 24 -19.11 42.62 -11.21
CA ASN C 24 -18.88 43.91 -10.57
C ASN C 24 -17.55 43.96 -9.82
N ILE C 25 -16.66 42.99 -10.04
CA ILE C 25 -15.38 42.99 -9.34
C ILE C 25 -14.38 43.86 -10.08
N ASP C 26 -13.38 44.33 -9.33
CA ASP C 26 -12.30 45.13 -9.90
C ASP C 26 -11.23 44.21 -10.45
N ARG C 27 -10.84 44.42 -11.71
CA ARG C 27 -9.83 43.61 -12.37
C ARG C 27 -8.60 44.46 -12.67
N ILE C 28 -7.44 43.94 -12.29
CA ILE C 28 -6.18 44.57 -12.61
C ILE C 28 -5.69 44.04 -13.96
N LYS C 29 -4.73 44.75 -14.54
CA LYS C 29 -4.17 44.33 -15.82
C LYS C 29 -3.40 43.02 -15.67
N VAL C 30 -3.35 42.26 -16.75
CA VAL C 30 -2.58 41.00 -16.74
C VAL C 30 -1.11 41.29 -16.56
N SER C 31 -0.62 42.39 -17.13
CA SER C 31 0.78 42.77 -16.93
C SER C 31 1.07 43.06 -15.47
N LYS C 32 0.15 43.72 -14.77
CA LYS C 32 0.32 43.96 -13.35
C LYS C 32 0.32 42.65 -12.57
N ALA C 33 -0.60 41.74 -12.91
CA ALA C 33 -0.66 40.45 -12.25
C ALA C 33 0.56 39.59 -12.58
N ALA C 34 1.00 39.63 -13.84
CA ALA C 34 2.18 38.86 -14.23
C ALA C 34 3.43 39.34 -13.50
N ALA C 35 3.57 40.65 -13.33
CA ALA C 35 4.74 41.18 -12.64
C ALA C 35 4.78 40.73 -11.20
N ASP C 36 3.62 40.68 -10.53
CA ASP C 36 3.58 40.24 -9.14
C ASP C 36 4.00 38.79 -9.00
N LEU C 37 3.54 37.93 -9.91
CA LEU C 37 3.98 36.53 -9.88
C LEU C 37 5.47 36.41 -10.14
N MET C 38 5.98 37.18 -11.10
CA MET C 38 7.42 37.16 -11.39
C MET C 38 8.22 37.71 -10.22
N ALA C 39 7.70 38.75 -9.56
CA ALA C 39 8.40 39.32 -8.41
C ALA C 39 8.47 38.35 -7.25
N TYR C 40 7.38 37.63 -6.97
CA TYR C 40 7.38 36.69 -5.86
C TYR C 40 8.35 35.54 -6.10
N CYS C 41 8.38 35.03 -7.34
CA CYS C 41 9.32 33.96 -7.66
C CYS C 41 10.76 34.42 -7.52
N GLU C 42 11.05 35.65 -7.95
CA GLU C 42 12.41 36.18 -7.85
C GLU C 42 12.82 36.36 -6.40
N ALA C 43 11.93 36.89 -5.57
CA ALA C 43 12.29 37.20 -4.19
C ALA C 43 12.56 35.94 -3.37
N HIS C 44 11.86 34.84 -3.64
CA HIS C 44 11.98 33.62 -2.86
C HIS C 44 12.75 32.54 -3.60
N ALA C 45 13.47 32.89 -4.67
CA ALA C 45 14.16 31.88 -5.47
C ALA C 45 15.24 31.17 -4.66
N LYS C 46 16.00 31.93 -3.85
CA LYS C 46 17.12 31.34 -3.14
C LYS C 46 16.68 30.37 -2.06
N GLU C 47 15.54 30.62 -1.43
CA GLU C 47 15.02 29.75 -0.38
C GLU C 47 14.11 28.64 -0.90
N ASP C 48 14.26 28.26 -2.17
CA ASP C 48 13.50 27.15 -2.75
C ASP C 48 14.45 25.98 -2.98
N PRO C 49 14.45 24.97 -2.11
CA PRO C 49 15.38 23.84 -2.30
C PRO C 49 15.16 23.06 -3.58
N LEU C 50 13.92 22.93 -4.06
CA LEU C 50 13.70 22.19 -5.28
C LEU C 50 14.25 22.92 -6.50
N LEU C 51 14.10 24.25 -6.52
CA LEU C 51 14.65 25.05 -7.61
C LEU C 51 16.17 25.07 -7.56
N THR C 52 16.72 25.36 -6.38
CA THR C 52 18.18 25.39 -6.17
C THR C 52 18.53 24.37 -5.11
N PRO C 53 18.97 23.16 -5.50
CA PRO C 53 19.25 22.12 -4.52
C PRO C 53 20.32 22.55 -3.51
N VAL C 54 20.09 22.19 -2.25
CA VAL C 54 20.95 22.56 -1.13
C VAL C 54 22.14 21.62 -1.11
N PRO C 55 23.24 21.98 -0.45
CA PRO C 55 24.35 21.03 -0.29
C PRO C 55 23.91 19.81 0.49
N ALA C 56 24.57 18.68 0.21
CA ALA C 56 24.17 17.41 0.80
C ALA C 56 24.18 17.46 2.33
N SER C 57 25.01 18.31 2.91
CA SER C 57 25.03 18.43 4.37
C SER C 57 23.73 19.00 4.91
N GLU C 58 23.04 19.84 4.12
CA GLU C 58 21.81 20.49 4.55
C GLU C 58 20.57 19.76 4.05
N ASN C 59 20.73 18.61 3.41
CA ASN C 59 19.61 17.88 2.84
C ASN C 59 19.18 16.80 3.82
N PRO C 60 17.98 16.87 4.41
CA PRO C 60 17.55 15.82 5.34
C PRO C 60 17.37 14.45 4.69
N PHE C 61 17.28 14.38 3.37
CA PHE C 61 17.00 13.13 2.66
C PHE C 61 18.23 12.57 1.95
N ARG C 62 19.40 12.73 2.57
CA ARG C 62 20.66 12.19 2.03
C ARG C 62 20.52 10.73 1.60
N ASP D 1 -9.60 5.67 32.66
CA ASP D 1 -8.36 6.43 32.75
C ASP D 1 -7.17 5.49 32.75
N VAL D 2 -5.99 6.03 32.44
CA VAL D 2 -4.78 5.21 32.38
C VAL D 2 -4.38 4.81 33.79
N GLN D 3 -4.19 3.51 34.01
CA GLN D 3 -3.86 3.00 35.33
C GLN D 3 -2.75 1.97 35.21
N LEU D 4 -1.87 1.93 36.21
CA LEU D 4 -0.82 0.92 36.30
C LEU D 4 -0.68 0.54 37.77
N VAL D 5 -1.13 -0.67 38.11
CA VAL D 5 -1.16 -1.15 39.49
C VAL D 5 -0.14 -2.26 39.63
N GLU D 6 0.79 -2.10 40.57
CA GLU D 6 1.80 -3.11 40.86
C GLU D 6 1.39 -3.92 42.08
N SER D 7 1.78 -5.18 42.09
CA SER D 7 1.48 -6.08 43.20
C SER D 7 2.55 -7.17 43.27
N GLY D 8 2.57 -7.86 44.40
CA GLY D 8 3.52 -8.94 44.64
C GLY D 8 4.69 -8.59 45.52
N GLY D 9 4.86 -7.31 45.86
CA GLY D 9 5.96 -6.93 46.72
C GLY D 9 5.72 -7.28 48.18
N GLY D 10 6.81 -7.33 48.94
CA GLY D 10 6.74 -7.64 50.34
C GLY D 10 8.08 -8.12 50.85
N LEU D 11 8.11 -8.41 52.15
CA LEU D 11 9.34 -8.83 52.80
C LEU D 11 9.69 -10.25 52.41
N VAL D 12 10.91 -10.44 51.90
CA VAL D 12 11.39 -11.75 51.46
C VAL D 12 12.74 -12.02 52.10
N GLN D 13 13.06 -13.31 52.21
CA GLN D 13 14.34 -13.73 52.76
C GLN D 13 15.45 -13.58 51.72
N PRO D 14 16.68 -13.33 52.16
CA PRO D 14 17.80 -13.27 51.21
C PRO D 14 17.95 -14.57 50.46
N GLY D 15 18.27 -14.47 49.17
CA GLY D 15 18.38 -15.63 48.31
C GLY D 15 17.05 -16.19 47.83
N GLY D 16 15.94 -15.54 48.17
CA GLY D 16 14.63 -16.01 47.78
C GLY D 16 14.22 -15.52 46.40
N SER D 17 12.97 -15.79 46.07
CA SER D 17 12.39 -15.42 44.77
C SER D 17 11.05 -14.74 44.99
N ARG D 18 10.76 -13.77 44.13
CA ARG D 18 9.49 -13.04 44.21
C ARG D 18 9.05 -12.66 42.81
N LYS D 19 7.75 -12.63 42.59
CA LYS D 19 7.14 -12.34 41.30
C LYS D 19 6.32 -11.07 41.42
N LEU D 20 6.70 -10.04 40.68
CA LEU D 20 5.98 -8.78 40.66
C LEU D 20 5.09 -8.71 39.43
N SER D 21 3.87 -8.19 39.62
CA SER D 21 2.90 -8.06 38.54
C SER D 21 2.51 -6.60 38.38
N CYS D 22 2.27 -6.20 37.12
CA CYS D 22 1.80 -4.86 36.80
C CYS D 22 0.60 -4.97 35.87
N SER D 23 -0.59 -4.71 36.41
CA SER D 23 -1.81 -4.77 35.62
C SER D 23 -2.11 -3.41 35.01
N ALA D 24 -2.37 -3.39 33.71
CA ALA D 24 -2.61 -2.17 32.96
C ALA D 24 -4.07 -2.10 32.53
N SER D 25 -4.67 -0.92 32.70
CA SER D 25 -6.03 -0.67 32.26
C SER D 25 -6.13 0.75 31.70
N GLY D 26 -7.03 0.92 30.74
CA GLY D 26 -7.30 2.23 30.18
C GLY D 26 -6.41 2.65 29.03
N PHE D 27 -5.55 1.78 28.52
CA PHE D 27 -4.76 2.10 27.35
C PHE D 27 -4.36 0.81 26.63
N ALA D 28 -3.93 0.97 25.38
CA ALA D 28 -3.52 -0.17 24.57
C ALA D 28 -2.19 -0.71 25.06
N PHE D 29 -2.24 -1.71 25.95
CA PHE D 29 -1.03 -2.19 26.61
C PHE D 29 -0.04 -2.78 25.61
N SER D 30 -0.54 -3.52 24.63
CA SER D 30 0.35 -4.18 23.67
C SER D 30 1.12 -3.18 22.80
N SER D 31 0.67 -1.93 22.73
CA SER D 31 1.33 -0.92 21.92
C SER D 31 2.48 -0.22 22.64
N PHE D 32 2.61 -0.40 23.95
CA PHE D 32 3.59 0.31 24.75
C PHE D 32 4.72 -0.62 25.16
N GLY D 33 5.96 -0.13 25.03
CA GLY D 33 7.06 -0.75 25.75
C GLY D 33 6.97 -0.45 27.23
N MET D 34 7.54 -1.35 28.03
CA MET D 34 7.42 -1.27 29.47
C MET D 34 8.80 -1.32 30.12
N HIS D 35 8.99 -0.50 31.16
CA HIS D 35 10.20 -0.49 31.96
C HIS D 35 9.86 -0.80 33.41
N TRP D 36 10.79 -1.43 34.10
CA TRP D 36 10.79 -1.48 35.56
C TRP D 36 11.87 -0.55 36.08
N VAL D 37 11.48 0.37 36.96
CA VAL D 37 12.39 1.30 37.61
C VAL D 37 12.21 1.15 39.11
N ARG D 38 13.32 1.01 39.83
CA ARG D 38 13.27 0.89 41.27
C ARG D 38 13.93 2.10 41.94
N GLN D 39 13.57 2.30 43.20
CA GLN D 39 14.08 3.41 43.99
C GLN D 39 14.37 2.90 45.39
N ALA D 40 15.64 2.84 45.75
CA ALA D 40 16.01 2.42 47.10
C ALA D 40 15.54 3.45 48.11
N PRO D 41 15.19 3.02 49.33
CA PRO D 41 14.72 3.97 50.34
C PRO D 41 15.73 5.08 50.59
N GLU D 42 15.25 6.32 50.58
CA GLU D 42 16.09 7.51 50.74
C GLU D 42 17.22 7.54 49.69
N LYS D 43 16.90 7.11 48.47
CA LYS D 43 17.85 7.13 47.36
C LYS D 43 17.11 7.56 46.10
N GLY D 44 17.86 7.66 45.00
CA GLY D 44 17.30 8.08 43.74
C GLY D 44 16.76 6.92 42.92
N LEU D 45 16.34 7.24 41.71
CA LEU D 45 15.74 6.23 40.83
C LEU D 45 16.82 5.42 40.14
N GLU D 46 16.51 4.14 39.90
CA GLU D 46 17.43 3.23 39.23
C GLU D 46 16.65 2.36 38.26
N TRP D 47 17.01 2.42 36.98
CA TRP D 47 16.33 1.62 35.97
C TRP D 47 16.73 0.15 36.10
N VAL D 48 15.74 -0.74 35.98
CA VAL D 48 15.93 -2.17 36.21
C VAL D 48 15.92 -2.95 34.90
N ALA D 49 14.84 -2.84 34.12
CA ALA D 49 14.67 -3.70 32.95
C ALA D 49 13.75 -3.00 31.96
N TYR D 50 13.75 -3.51 30.74
CA TYR D 50 12.89 -3.01 29.68
C TYR D 50 12.44 -4.16 28.79
N ILE D 51 11.16 -4.18 28.46
CA ILE D 51 10.62 -5.09 27.43
C ILE D 51 9.86 -4.25 26.42
N SER D 52 10.13 -4.48 25.14
CA SER D 52 9.54 -3.68 24.09
C SER D 52 8.11 -4.16 23.78
N SER D 53 7.39 -3.34 23.02
CA SER D 53 6.13 -3.80 22.45
C SER D 53 6.38 -4.96 21.50
N GLY D 54 5.60 -6.02 21.65
CA GLY D 54 5.83 -7.22 20.88
C GLY D 54 6.87 -8.17 21.46
N SER D 55 7.47 -7.82 22.60
CA SER D 55 8.36 -8.71 23.35
C SER D 55 9.62 -9.07 22.58
N GLY D 56 9.95 -8.32 21.52
CA GLY D 56 11.10 -8.67 20.71
C GLY D 56 12.43 -8.25 21.29
N THR D 57 12.45 -7.16 22.07
CA THR D 57 13.67 -6.62 22.64
C THR D 57 13.56 -6.55 24.15
N ILE D 58 14.57 -7.05 24.85
CA ILE D 58 14.59 -7.05 26.31
C ILE D 58 15.97 -6.60 26.78
N TYR D 59 16.01 -5.66 27.72
CA TYR D 59 17.23 -5.16 28.30
C TYR D 59 17.17 -5.25 29.81
N TYR D 60 18.33 -5.46 30.43
CA TYR D 60 18.45 -5.53 31.88
C TYR D 60 19.60 -4.65 32.33
N ALA D 61 19.50 -4.16 33.56
CA ALA D 61 20.64 -3.52 34.20
C ALA D 61 21.66 -4.57 34.64
N ASP D 62 22.93 -4.17 34.66
CA ASP D 62 24.00 -5.12 34.98
C ASP D 62 23.86 -5.65 36.40
N THR D 63 23.38 -4.83 37.34
CA THR D 63 23.28 -5.27 38.72
C THR D 63 22.19 -6.32 38.92
N VAL D 64 21.29 -6.48 37.96
CA VAL D 64 20.21 -7.45 38.05
C VAL D 64 20.22 -8.46 36.92
N LYS D 65 21.09 -8.30 35.92
CA LYS D 65 21.10 -9.20 34.78
C LYS D 65 21.48 -10.61 35.21
N GLY D 66 20.72 -11.60 34.72
CA GLY D 66 20.90 -12.97 35.11
C GLY D 66 20.05 -13.42 36.28
N ARG D 67 19.58 -12.49 37.11
CA ARG D 67 18.73 -12.81 38.24
C ARG D 67 17.28 -12.43 38.03
N PHE D 68 17.02 -11.35 37.28
CA PHE D 68 15.67 -10.87 37.02
C PHE D 68 15.24 -11.28 35.62
N THR D 69 13.97 -11.63 35.47
CA THR D 69 13.39 -11.90 34.17
C THR D 69 12.11 -11.09 34.02
N ILE D 70 12.03 -10.31 32.94
CA ILE D 70 10.88 -9.45 32.67
C ILE D 70 10.09 -10.06 31.52
N SER D 71 8.78 -10.09 31.67
CA SER D 71 7.91 -10.67 30.66
C SER D 71 6.56 -9.96 30.70
N ARG D 72 5.79 -10.12 29.63
CA ARG D 72 4.49 -9.48 29.52
C ARG D 72 3.49 -10.47 28.95
N ASP D 73 2.22 -10.26 29.30
CA ASP D 73 1.10 -11.03 28.76
C ASP D 73 0.14 -10.05 28.10
N ASP D 74 0.29 -9.86 26.80
CA ASP D 74 -0.51 -8.85 26.09
C ASP D 74 -2.01 -9.11 26.17
N PRO D 75 -2.52 -10.32 25.95
CA PRO D 75 -3.98 -10.52 26.08
C PRO D 75 -4.52 -10.18 27.46
N LYS D 76 -3.77 -10.43 28.52
CA LYS D 76 -4.21 -10.13 29.87
C LYS D 76 -3.78 -8.75 30.35
N ASN D 77 -3.00 -8.02 29.55
CA ASN D 77 -2.51 -6.69 29.91
C ASN D 77 -1.76 -6.70 31.23
N THR D 78 -0.89 -7.69 31.44
CA THR D 78 -0.14 -7.83 32.67
C THR D 78 1.35 -7.81 32.36
N LEU D 79 2.11 -7.04 33.14
CA LEU D 79 3.56 -7.02 33.07
C LEU D 79 4.14 -7.72 34.28
N PHE D 80 5.16 -8.56 34.04
CA PHE D 80 5.74 -9.40 35.09
C PHE D 80 7.21 -9.06 35.27
N LEU D 81 7.70 -9.30 36.49
CA LEU D 81 9.12 -9.22 36.80
C LEU D 81 9.44 -10.37 37.75
N GLN D 82 10.06 -11.43 37.21
CA GLN D 82 10.47 -12.57 38.02
C GLN D 82 11.88 -12.32 38.56
N MET D 83 12.01 -12.33 39.88
CA MET D 83 13.26 -12.05 40.55
C MET D 83 13.75 -13.30 41.27
N THR D 84 15.05 -13.54 41.21
CA THR D 84 15.67 -14.69 41.86
C THR D 84 16.96 -14.26 42.53
N SER D 85 17.35 -15.02 43.56
CA SER D 85 18.60 -14.77 44.29
C SER D 85 18.63 -13.35 44.85
N LEU D 86 17.52 -12.95 45.47
CA LEU D 86 17.36 -11.58 45.94
C LEU D 86 18.38 -11.25 47.03
N ARG D 87 19.00 -10.09 46.91
CA ARG D 87 20.01 -9.60 47.84
C ARG D 87 19.46 -8.41 48.61
N SER D 88 20.20 -8.01 49.64
CA SER D 88 19.81 -6.83 50.40
C SER D 88 19.88 -5.56 49.57
N GLU D 89 20.63 -5.60 48.45
CA GLU D 89 20.71 -4.48 47.53
C GLU D 89 19.44 -4.30 46.72
N ASP D 90 18.53 -5.27 46.74
CA ASP D 90 17.30 -5.20 45.96
C ASP D 90 16.14 -4.58 46.73
N THR D 91 16.35 -4.15 47.97
CA THR D 91 15.29 -3.53 48.76
C THR D 91 14.97 -2.17 48.17
N ALA D 92 13.81 -2.05 47.52
CA ALA D 92 13.44 -0.80 46.87
C ALA D 92 11.95 -0.81 46.55
N MET D 93 11.45 0.35 46.15
CA MET D 93 10.12 0.48 45.57
C MET D 93 10.22 0.33 44.07
N TYR D 94 9.51 -0.64 43.51
CA TYR D 94 9.60 -0.97 42.09
C TYR D 94 8.41 -0.35 41.35
N TYR D 95 8.71 0.48 40.36
CA TYR D 95 7.70 1.20 39.61
C TYR D 95 7.52 0.57 38.24
N CYS D 96 6.27 0.50 37.79
CA CYS D 96 5.92 0.05 36.46
C CYS D 96 5.72 1.27 35.58
N VAL D 97 6.50 1.38 34.50
CA VAL D 97 6.52 2.57 33.66
C VAL D 97 6.21 2.16 32.22
N ARG D 98 5.25 2.84 31.63
CA ARG D 98 4.94 2.64 30.22
C ARG D 98 5.74 3.64 29.38
N SER D 99 6.10 3.21 28.18
CA SER D 99 6.84 4.08 27.27
C SER D 99 6.59 3.60 25.85
N ILE D 100 6.09 4.49 24.99
CA ILE D 100 5.85 4.19 23.59
C ILE D 100 6.86 4.99 22.76
N TYR D 101 7.34 4.39 21.68
CA TYR D 101 8.42 4.97 20.91
C TYR D 101 8.02 5.11 19.45
N TYR D 102 7.78 6.35 19.03
CA TYR D 102 7.69 6.72 17.62
C TYR D 102 8.10 8.18 17.53
N TYR D 103 8.19 8.68 16.31
CA TYR D 103 8.59 10.07 16.12
C TYR D 103 7.63 11.01 16.84
N GLY D 104 8.17 11.77 17.79
CA GLY D 104 7.37 12.71 18.57
C GLY D 104 6.66 12.13 19.77
N SER D 105 6.86 10.85 20.09
CA SER D 105 6.23 10.27 21.25
C SER D 105 6.89 10.79 22.53
N SER D 106 6.22 10.51 23.66
CA SER D 106 6.68 10.92 24.99
C SER D 106 6.88 9.67 25.85
N PRO D 107 8.05 9.05 25.81
CA PRO D 107 8.31 7.89 26.67
C PRO D 107 8.32 8.27 28.14
N PHE D 108 8.06 7.27 28.99
CA PHE D 108 8.07 7.43 30.44
C PHE D 108 7.00 8.40 30.91
N ASP D 109 5.90 8.51 30.16
CA ASP D 109 4.88 9.50 30.48
C ASP D 109 4.03 9.10 31.68
N PHE D 110 3.78 7.80 31.87
CA PHE D 110 2.96 7.35 32.97
C PHE D 110 3.71 6.32 33.80
N TRP D 111 3.68 6.51 35.11
CA TRP D 111 4.30 5.60 36.07
C TRP D 111 3.23 4.98 36.95
N GLY D 112 3.48 3.78 37.42
CA GLY D 112 2.58 3.16 38.39
C GLY D 112 2.85 3.65 39.80
N GLN D 113 1.95 3.25 40.71
CA GLN D 113 2.10 3.67 42.10
C GLN D 113 3.26 2.96 42.79
N GLY D 114 3.62 1.78 42.32
CA GLY D 114 4.79 1.09 42.81
C GLY D 114 4.45 0.07 43.89
N THR D 115 5.30 -0.93 44.03
CA THR D 115 5.20 -1.92 45.09
C THR D 115 6.54 -2.05 45.79
N THR D 116 6.49 -2.19 47.12
CA THR D 116 7.68 -2.17 47.95
C THR D 116 8.18 -3.58 48.20
N LEU D 117 9.46 -3.80 47.92
CA LEU D 117 10.14 -5.06 48.19
C LEU D 117 11.22 -4.83 49.24
N THR D 118 11.19 -5.62 50.30
CA THR D 118 12.18 -5.54 51.36
C THR D 118 12.86 -6.90 51.52
N VAL D 119 14.20 -6.89 51.52
CA VAL D 119 14.99 -8.10 51.66
C VAL D 119 15.69 -8.05 53.00
N SER D 120 15.57 -9.11 53.79
CA SER D 120 16.13 -9.17 55.12
C SER D 120 17.66 -9.20 55.11
N ASP D 137 28.46 3.16 30.75
CA ASP D 137 27.32 3.79 31.41
C ASP D 137 27.54 5.29 31.55
N ILE D 138 26.61 6.07 30.97
CA ILE D 138 26.68 7.52 31.10
C ILE D 138 26.33 7.90 32.54
N VAL D 139 27.15 8.76 33.12
CA VAL D 139 26.97 9.22 34.50
C VAL D 139 26.24 10.55 34.48
N MET D 140 25.07 10.59 35.11
CA MET D 140 24.27 11.80 35.23
C MET D 140 24.46 12.36 36.64
N THR D 141 24.89 13.62 36.73
CA THR D 141 25.28 14.24 37.99
C THR D 141 24.33 15.38 38.32
N GLN D 142 23.78 15.35 39.53
CA GLN D 142 23.01 16.46 40.11
C GLN D 142 23.68 16.81 41.43
N ALA D 143 24.69 17.68 41.36
CA ALA D 143 25.51 17.97 42.54
C ALA D 143 24.69 18.61 43.63
N THR D 144 23.79 19.53 43.29
CA THR D 144 22.95 20.20 44.27
C THR D 144 21.88 19.22 44.76
N SER D 145 22.06 18.72 45.99
CA SER D 145 21.11 17.76 46.53
C SER D 145 19.79 18.42 46.92
N SER D 146 19.86 19.61 47.52
CA SER D 146 18.66 20.30 47.97
C SER D 146 18.75 21.77 47.62
N VAL D 147 17.58 22.39 47.41
CA VAL D 147 17.50 23.80 47.07
C VAL D 147 16.37 24.44 47.86
N PRO D 148 16.66 25.41 48.74
CA PRO D 148 15.58 26.13 49.44
C PRO D 148 14.89 27.11 48.50
N VAL D 149 13.57 27.03 48.42
CA VAL D 149 12.78 27.82 47.48
C VAL D 149 11.63 28.49 48.21
N THR D 150 11.10 29.53 47.58
CA THR D 150 9.93 30.23 48.07
C THR D 150 8.90 30.35 46.95
N PRO D 151 7.61 30.31 47.28
CA PRO D 151 6.58 30.35 46.23
C PRO D 151 6.65 31.64 45.42
N GLY D 152 6.37 31.51 44.13
CA GLY D 152 6.36 32.64 43.22
C GLY D 152 7.72 33.07 42.70
N GLU D 153 8.78 32.38 43.06
CA GLU D 153 10.13 32.74 42.64
C GLU D 153 10.65 31.71 41.64
N SER D 154 11.47 32.17 40.70
CA SER D 154 11.98 31.30 39.66
C SER D 154 13.15 30.46 40.18
N VAL D 155 13.14 29.17 39.85
CA VAL D 155 14.14 28.22 40.31
C VAL D 155 14.73 27.51 39.09
N SER D 156 16.05 27.29 39.12
CA SER D 156 16.74 26.55 38.08
C SER D 156 17.45 25.36 38.69
N ILE D 157 17.32 24.21 38.03
CA ILE D 157 17.95 22.97 38.46
C ILE D 157 18.90 22.52 37.36
N SER D 158 20.11 22.13 37.73
CA SER D 158 21.15 21.79 36.78
C SER D 158 21.41 20.29 36.77
N CYS D 159 21.71 19.76 35.59
CA CYS D 159 22.07 18.36 35.41
C CYS D 159 23.26 18.30 34.48
N ARG D 160 24.13 17.33 34.72
CA ARG D 160 25.33 17.14 33.89
C ARG D 160 25.47 15.68 33.49
N SER D 161 26.09 15.46 32.35
CA SER D 161 26.32 14.12 31.83
C SER D 161 27.78 13.97 31.43
N SER D 162 28.33 12.78 31.65
CA SER D 162 29.70 12.51 31.26
C SER D 162 29.87 12.52 29.74
N LYS D 163 28.85 12.08 29.01
CA LYS D 163 28.85 12.07 27.55
C LYS D 163 27.82 13.05 27.03
N SER D 164 28.04 13.51 25.79
CA SER D 164 27.07 14.37 25.12
C SER D 164 25.80 13.59 24.79
N LEU D 165 24.66 14.09 25.26
CA LEU D 165 23.38 13.46 25.00
C LEU D 165 22.77 13.87 23.67
N LEU D 166 23.42 14.77 22.93
CA LEU D 166 22.95 15.16 21.61
C LEU D 166 23.36 14.11 20.59
N HIS D 167 22.39 13.50 19.94
CA HIS D 167 22.63 12.50 18.91
C HIS D 167 22.78 13.18 17.56
N SER D 168 23.31 12.43 16.58
CA SER D 168 23.50 12.97 15.24
C SER D 168 22.19 13.25 14.52
N ASN D 169 21.07 12.77 15.04
CA ASN D 169 19.76 13.04 14.44
C ASN D 169 19.12 14.33 14.95
N GLY D 170 19.79 15.05 15.84
CA GLY D 170 19.30 16.31 16.37
C GLY D 170 18.61 16.22 17.71
N ASN D 171 18.24 15.02 18.14
CA ASN D 171 17.61 14.86 19.46
C ASN D 171 18.66 14.89 20.56
N THR D 172 18.27 15.45 21.70
CA THR D 172 19.05 15.37 22.93
C THR D 172 18.23 14.59 23.94
N TYR D 173 18.62 13.34 24.17
CA TYR D 173 17.80 12.39 24.92
C TYR D 173 17.99 12.59 26.43
N LEU D 174 17.44 13.71 26.91
CA LEU D 174 17.44 14.03 28.34
C LEU D 174 16.00 14.20 28.80
N TYR D 175 15.67 13.59 29.94
CA TYR D 175 14.33 13.61 30.49
C TYR D 175 14.35 14.20 31.88
N TRP D 176 13.27 14.87 32.26
CA TRP D 176 13.10 15.42 33.59
C TRP D 176 11.85 14.83 34.24
N PHE D 177 11.98 14.39 35.49
CA PHE D 177 10.88 13.82 36.24
C PHE D 177 10.73 14.56 37.55
N LEU D 178 9.50 14.58 38.07
CA LEU D 178 9.21 15.17 39.36
C LEU D 178 8.51 14.12 40.21
N GLN D 179 9.07 13.85 41.39
CA GLN D 179 8.47 12.93 42.34
C GLN D 179 8.08 13.73 43.58
N ARG D 180 6.80 14.09 43.66
CA ARG D 180 6.30 14.76 44.85
C ARG D 180 6.29 13.79 46.02
N PRO D 181 6.39 14.30 47.25
CA PRO D 181 6.45 13.40 48.41
C PRO D 181 5.23 12.51 48.52
N GLY D 182 5.47 11.20 48.54
CA GLY D 182 4.41 10.21 48.62
C GLY D 182 3.83 9.79 47.28
N GLN D 183 4.28 10.38 46.17
CA GLN D 183 3.72 10.12 44.86
C GLN D 183 4.78 9.50 43.95
N SER D 184 4.31 8.88 42.88
CA SER D 184 5.19 8.34 41.86
C SER D 184 5.76 9.45 41.00
N PRO D 185 6.90 9.21 40.34
CA PRO D 185 7.46 10.24 39.47
C PRO D 185 6.51 10.56 38.32
N GLN D 186 6.57 11.81 37.87
CA GLN D 186 5.80 12.27 36.73
C GLN D 186 6.73 12.93 35.73
N LEU D 187 6.46 12.72 34.44
CA LEU D 187 7.28 13.30 33.40
C LEU D 187 7.01 14.79 33.28
N LEU D 188 8.07 15.59 33.26
CA LEU D 188 7.97 17.03 33.02
C LEU D 188 8.47 17.41 31.63
N ILE D 189 9.71 17.06 31.33
CA ILE D 189 10.36 17.44 30.07
C ILE D 189 10.94 16.18 29.45
N TYR D 190 10.63 15.95 28.18
CA TYR D 190 11.17 14.80 27.45
C TYR D 190 11.99 15.30 26.27
N ARG D 191 13.15 14.68 26.07
CA ARG D 191 14.14 15.10 25.07
C ARG D 191 14.55 16.57 25.27
N MET D 192 14.70 16.95 26.54
CA MET D 192 15.43 18.13 27.00
C MET D 192 14.72 19.45 26.73
N SER D 193 13.72 19.45 25.87
CA SER D 193 13.00 20.69 25.61
C SER D 193 11.48 20.55 25.56
N ASN D 194 10.95 19.39 25.19
CA ASN D 194 9.51 19.24 25.00
C ASN D 194 8.80 19.11 26.34
N LEU D 195 7.64 19.72 26.43
CA LEU D 195 6.84 19.73 27.65
C LEU D 195 5.82 18.61 27.60
N ALA D 196 5.79 17.80 28.66
CA ALA D 196 4.90 16.64 28.70
C ALA D 196 3.44 17.08 28.81
N SER D 197 2.55 16.23 28.32
CA SER D 197 1.12 16.51 28.35
C SER D 197 0.62 16.61 29.79
N GLY D 198 -0.17 17.65 30.07
CA GLY D 198 -0.69 17.87 31.39
C GLY D 198 0.24 18.62 32.33
N VAL D 199 1.35 19.13 31.84
CA VAL D 199 2.33 19.85 32.66
C VAL D 199 2.18 21.34 32.39
N PRO D 200 2.13 22.18 33.43
CA PRO D 200 1.97 23.62 33.20
C PRO D 200 3.14 24.19 32.42
N ASP D 201 2.85 25.24 31.65
CA ASP D 201 3.85 25.85 30.78
C ASP D 201 4.97 26.55 31.54
N ARG D 202 4.82 26.74 32.86
CA ARG D 202 5.87 27.40 33.63
C ARG D 202 7.16 26.59 33.65
N PHE D 203 7.05 25.27 33.56
CA PHE D 203 8.24 24.43 33.43
C PHE D 203 8.85 24.61 32.04
N SER D 204 10.17 24.77 31.99
CA SER D 204 10.89 24.89 30.73
C SER D 204 12.23 24.18 30.85
N GLY D 205 12.57 23.40 29.82
CA GLY D 205 13.83 22.68 29.78
C GLY D 205 14.77 23.29 28.77
N SER D 206 15.98 23.61 29.21
CA SER D 206 17.01 24.17 28.37
C SER D 206 18.31 23.42 28.60
N GLY D 207 19.04 23.17 27.52
CA GLY D 207 20.31 22.46 27.65
C GLY D 207 21.12 22.57 26.38
N SER D 208 22.35 22.10 26.48
CA SER D 208 23.24 22.00 25.32
C SER D 208 24.34 21.00 25.66
N GLY D 209 24.58 20.06 24.76
CA GLY D 209 25.67 19.12 24.93
C GLY D 209 25.58 18.29 26.19
N THR D 210 26.39 18.63 27.19
CA THR D 210 26.44 17.88 28.44
C THR D 210 25.84 18.63 29.62
N ALA D 211 25.45 19.90 29.44
CA ALA D 211 24.93 20.72 30.54
C ALA D 211 23.48 21.05 30.26
N PHE D 212 22.62 20.80 31.24
CA PHE D 212 21.18 20.97 31.09
C PHE D 212 20.61 21.70 32.29
N THR D 213 19.57 22.50 32.05
CA THR D 213 18.92 23.30 33.09
C THR D 213 17.41 23.14 32.99
N LEU D 214 16.77 22.93 34.13
CA LEU D 214 15.31 22.92 34.23
C LEU D 214 14.88 24.19 34.97
N THR D 215 14.17 25.07 34.29
CA THR D 215 13.73 26.34 34.85
C THR D 215 12.26 26.26 35.22
N ILE D 216 11.95 26.66 36.47
CA ILE D 216 10.59 26.62 36.99
C ILE D 216 10.19 28.05 37.33
N SER D 217 9.46 28.71 36.43
CA SER D 217 9.01 30.07 36.67
C SER D 217 7.76 30.06 37.54
N ARG D 218 7.70 30.99 38.50
CA ARG D 218 6.56 31.14 39.39
C ARG D 218 6.26 29.84 40.14
N LEU D 219 7.22 29.42 40.95
CA LEU D 219 7.09 28.16 41.68
C LEU D 219 5.86 28.18 42.59
N GLU D 220 5.22 27.02 42.69
CA GLU D 220 4.02 26.85 43.50
C GLU D 220 4.25 25.72 44.50
N ALA D 221 3.25 25.51 45.36
CA ALA D 221 3.37 24.48 46.39
C ALA D 221 3.46 23.08 45.78
N GLU D 222 2.71 22.86 44.69
CA GLU D 222 2.70 21.53 44.07
C GLU D 222 4.07 21.17 43.49
N ASP D 223 4.84 22.16 43.04
CA ASP D 223 6.14 21.90 42.42
C ASP D 223 7.16 21.38 43.43
N VAL D 224 6.90 21.50 44.73
CA VAL D 224 7.82 20.99 45.73
C VAL D 224 7.98 19.49 45.58
N GLY D 225 9.24 19.04 45.52
CA GLY D 225 9.52 17.62 45.39
C GLY D 225 10.95 17.42 44.93
N VAL D 226 11.26 16.18 44.58
CA VAL D 226 12.56 15.80 44.07
C VAL D 226 12.50 15.74 42.55
N TYR D 227 13.53 16.28 41.90
CA TYR D 227 13.61 16.32 40.45
C TYR D 227 14.75 15.44 39.98
N TYR D 228 14.46 14.55 39.03
CA TYR D 228 15.44 13.63 38.49
C TYR D 228 15.64 13.89 37.00
N CYS D 229 16.89 13.89 36.57
CA CYS D 229 17.22 13.93 35.15
C CYS D 229 17.70 12.55 34.72
N MET D 230 17.11 12.05 33.63
CA MET D 230 17.41 10.73 33.10
C MET D 230 17.88 10.87 31.66
N GLN D 231 18.86 10.05 31.28
CA GLN D 231 19.31 10.00 29.90
C GLN D 231 18.71 8.79 29.21
N HIS D 232 18.29 8.98 27.95
CA HIS D 232 17.79 7.88 27.14
C HIS D 232 18.59 7.72 25.86
N LEU D 233 19.85 8.18 25.86
CA LEU D 233 20.70 8.04 24.69
C LEU D 233 21.01 6.58 24.41
N GLU D 234 21.28 5.79 25.45
CA GLU D 234 21.63 4.40 25.29
C GLU D 234 21.35 3.67 26.59
N TYR D 235 21.30 2.35 26.50
CA TYR D 235 21.12 1.52 27.69
C TYR D 235 22.46 1.17 28.31
N PRO D 236 22.55 1.10 29.65
CA PRO D 236 21.46 1.24 30.63
C PRO D 236 21.07 2.69 30.88
N LEU D 237 19.76 2.94 31.03
CA LEU D 237 19.28 4.27 31.37
C LEU D 237 19.70 4.63 32.79
N THR D 238 20.30 5.80 32.95
CA THR D 238 20.82 6.23 34.24
C THR D 238 20.14 7.52 34.68
N PHE D 239 19.92 7.64 35.98
CA PHE D 239 19.28 8.80 36.60
C PHE D 239 20.31 9.63 37.33
N GLY D 240 20.02 10.92 37.49
CA GLY D 240 20.80 11.74 38.38
C GLY D 240 20.46 11.47 39.83
N ALA D 241 21.28 12.03 40.72
CA ALA D 241 21.06 11.85 42.14
C ALA D 241 19.71 12.40 42.57
N GLY D 242 19.32 13.54 42.02
CA GLY D 242 18.04 14.16 42.33
C GLY D 242 18.26 15.44 43.13
N THR D 243 17.46 16.46 42.81
CA THR D 243 17.51 17.74 43.50
C THR D 243 16.19 17.95 44.22
N LYS D 244 16.27 18.15 45.53
CA LYS D 244 15.07 18.31 46.35
C LYS D 244 14.74 19.79 46.52
N LEU D 245 13.46 20.12 46.37
CA LEU D 245 12.97 21.47 46.61
C LEU D 245 12.21 21.51 47.93
N GLU D 246 12.58 22.46 48.78
CA GLU D 246 11.96 22.63 50.09
C GLU D 246 11.60 24.10 50.29
N LEU D 247 10.54 24.33 51.05
CA LEU D 247 10.08 25.68 51.33
C LEU D 247 10.79 26.27 52.54
N MET E 81 40.20 -30.75 -24.94
CA MET E 81 40.29 -29.30 -24.77
C MET E 81 39.14 -28.53 -25.44
N PRO E 82 38.81 -28.82 -26.70
CA PRO E 82 37.64 -28.14 -27.30
C PRO E 82 36.34 -28.46 -26.58
N LEU E 83 36.22 -29.66 -26.01
CA LEU E 83 35.00 -30.01 -25.27
C LEU E 83 34.84 -29.13 -24.04
N VAL E 84 35.95 -28.80 -23.36
CA VAL E 84 35.88 -27.97 -22.16
C VAL E 84 35.34 -26.59 -22.49
N VAL E 85 35.69 -26.06 -23.66
CA VAL E 85 35.17 -24.76 -24.08
C VAL E 85 33.66 -24.80 -24.22
N VAL E 86 33.13 -25.87 -24.83
CA VAL E 86 31.69 -26.01 -24.98
C VAL E 86 31.03 -26.15 -23.61
N LEU E 87 31.60 -26.97 -22.73
CA LEU E 87 31.01 -27.17 -21.41
C LEU E 87 31.13 -25.93 -20.54
N SER E 88 32.21 -25.15 -20.73
CA SER E 88 32.35 -23.91 -19.96
C SER E 88 31.25 -22.91 -20.30
N THR E 89 30.88 -22.83 -21.58
CA THR E 89 29.80 -21.94 -21.97
C THR E 89 28.48 -22.36 -21.33
N ILE E 90 28.21 -23.66 -21.28
CA ILE E 90 26.99 -24.15 -20.65
C ILE E 90 26.97 -23.78 -19.17
N CYS E 91 28.11 -23.90 -18.50
CA CYS E 91 28.20 -23.52 -17.09
C CYS E 91 27.94 -22.03 -16.91
N LEU E 92 28.52 -21.19 -17.78
CA LEU E 92 28.30 -19.75 -17.67
C LEU E 92 26.86 -19.38 -17.97
N VAL E 93 26.27 -20.01 -18.99
CA VAL E 93 24.87 -19.72 -19.32
C VAL E 93 23.96 -20.10 -18.17
N THR E 94 24.21 -21.25 -17.55
CA THR E 94 23.37 -21.70 -16.43
C THR E 94 23.43 -20.70 -15.28
N VAL E 95 24.62 -20.22 -14.93
CA VAL E 95 24.75 -19.25 -13.85
C VAL E 95 24.11 -17.92 -14.25
N GLY E 96 24.34 -17.48 -15.49
CA GLY E 96 23.80 -16.20 -15.91
C GLY E 96 22.28 -16.18 -15.94
N LEU E 97 21.68 -17.22 -16.51
CA LEU E 97 20.21 -17.25 -16.61
C LEU E 97 19.57 -17.34 -15.24
N ASN E 98 20.11 -18.17 -14.35
CA ASN E 98 19.49 -18.35 -13.04
C ASN E 98 19.70 -17.13 -12.15
N LEU E 99 20.83 -16.44 -12.27
CA LEU E 99 21.03 -15.21 -11.52
C LEU E 99 20.07 -14.11 -12.02
N LEU E 100 19.85 -14.06 -13.33
CA LEU E 100 18.93 -13.07 -13.88
C LEU E 100 17.51 -13.29 -13.38
N VAL E 101 17.08 -14.55 -13.31
CA VAL E 101 15.73 -14.86 -12.82
C VAL E 101 15.60 -14.48 -11.35
N LEU E 102 16.62 -14.80 -10.55
CA LEU E 102 16.54 -14.52 -9.11
C LEU E 102 16.46 -13.03 -8.81
N TYR E 103 17.25 -12.23 -9.53
CA TYR E 103 17.24 -10.79 -9.28
C TYR E 103 16.00 -10.10 -9.83
N ALA E 104 15.44 -10.63 -10.92
CA ALA E 104 14.24 -10.01 -11.51
C ALA E 104 13.06 -10.07 -10.53
N VAL E 105 12.96 -11.16 -9.77
CA VAL E 105 11.90 -11.25 -8.77
C VAL E 105 12.10 -10.20 -7.68
N ARG E 106 13.35 -10.01 -7.26
CA ARG E 106 13.63 -9.04 -6.19
C ARG E 106 13.29 -7.63 -6.62
N SER E 107 13.67 -7.24 -7.84
CA SER E 107 13.49 -5.86 -8.27
C SER E 107 12.02 -5.54 -8.53
N GLU E 108 11.31 -6.41 -9.25
CA GLU E 108 9.96 -6.13 -9.68
C GLU E 108 8.95 -6.61 -8.64
N ARG E 109 7.96 -5.76 -8.35
CA ARG E 109 6.94 -6.10 -7.37
C ARG E 109 5.80 -6.91 -7.99
N LYS E 110 5.59 -6.81 -9.31
CA LYS E 110 4.58 -7.62 -9.97
C LYS E 110 4.95 -9.09 -10.02
N LEU E 111 6.21 -9.42 -9.74
CA LEU E 111 6.69 -10.80 -9.76
C LEU E 111 6.67 -11.43 -8.37
N HIS E 112 6.05 -10.77 -7.39
CA HIS E 112 5.98 -11.28 -6.03
C HIS E 112 4.75 -12.13 -5.78
N THR E 113 4.23 -12.79 -6.80
CA THR E 113 3.08 -13.66 -6.64
C THR E 113 3.50 -14.97 -5.97
N VAL E 114 2.50 -15.71 -5.48
CA VAL E 114 2.77 -16.97 -4.81
C VAL E 114 3.34 -18.00 -5.78
N GLY E 115 2.86 -17.98 -7.02
CA GLY E 115 3.34 -18.94 -8.00
C GLY E 115 4.79 -18.74 -8.40
N ASN E 116 5.32 -17.53 -8.20
CA ASN E 116 6.72 -17.27 -8.53
C ASN E 116 7.68 -17.69 -7.43
N LEU E 117 7.17 -18.02 -6.24
CA LEU E 117 8.04 -18.54 -5.19
C LEU E 117 8.63 -19.88 -5.59
N TYR E 118 7.82 -20.73 -6.21
CA TYR E 118 8.33 -22.02 -6.68
C TYR E 118 9.34 -21.85 -7.80
N ILE E 119 9.14 -20.86 -8.67
CA ILE E 119 10.10 -20.58 -9.72
C ILE E 119 11.42 -20.11 -9.12
N VAL E 120 11.35 -19.31 -8.05
CA VAL E 120 12.57 -18.88 -7.37
C VAL E 120 13.31 -20.08 -6.79
N SER E 121 12.58 -20.99 -6.14
CA SER E 121 13.20 -22.18 -5.58
C SER E 121 13.82 -23.04 -6.67
N LEU E 122 13.15 -23.15 -7.82
CA LEU E 122 13.69 -23.94 -8.92
C LEU E 122 14.99 -23.34 -9.44
N SER E 123 15.07 -22.02 -9.55
CA SER E 123 16.27 -21.38 -10.07
C SER E 123 17.42 -21.42 -9.07
N VAL E 124 17.12 -21.48 -7.77
CA VAL E 124 18.16 -21.59 -6.77
C VAL E 124 18.91 -22.90 -6.90
N ALA E 125 18.18 -24.00 -7.05
CA ALA E 125 18.81 -25.31 -7.20
C ALA E 125 19.65 -25.38 -8.46
N ASP E 126 19.16 -24.81 -9.56
CA ASP E 126 19.93 -24.80 -10.79
C ASP E 126 21.15 -23.89 -10.68
N LEU E 127 21.05 -22.81 -9.90
CA LEU E 127 22.21 -21.96 -9.67
C LEU E 127 23.30 -22.71 -8.93
N ILE E 128 22.92 -23.51 -7.93
CA ILE E 128 23.90 -24.30 -7.19
C ILE E 128 24.58 -25.31 -8.12
N VAL E 129 23.82 -25.88 -9.06
CA VAL E 129 24.40 -26.80 -10.02
C VAL E 129 25.43 -26.08 -10.89
N GLY E 130 25.06 -24.90 -11.41
CA GLY E 130 25.98 -24.16 -12.25
C GLY E 130 27.17 -23.61 -11.48
N ALA E 131 26.94 -23.11 -10.26
CA ALA E 131 28.00 -22.46 -9.50
C ALA E 131 28.97 -23.47 -8.89
N VAL E 132 28.48 -24.61 -8.44
CA VAL E 132 29.30 -25.55 -7.68
C VAL E 132 29.48 -26.86 -8.44
N VAL E 133 28.37 -27.49 -8.82
CA VAL E 133 28.42 -28.84 -9.35
C VAL E 133 29.09 -28.86 -10.74
N MET E 134 28.68 -27.94 -11.61
CA MET E 134 29.22 -27.93 -12.97
C MET E 134 30.73 -27.68 -13.03
N PRO E 135 31.29 -26.64 -12.39
CA PRO E 135 32.74 -26.41 -12.54
C PRO E 135 33.59 -27.57 -12.04
N MET E 136 33.18 -28.22 -10.95
CA MET E 136 33.94 -29.37 -10.47
C MET E 136 33.84 -30.55 -11.44
N ASN E 137 32.68 -30.72 -12.06
CA ASN E 137 32.51 -31.80 -13.03
C ASN E 137 33.36 -31.56 -14.28
N ILE E 138 33.49 -30.30 -14.69
CA ILE E 138 34.31 -29.98 -15.87
C ILE E 138 35.77 -30.30 -15.61
N LEU E 139 36.27 -29.93 -14.42
CA LEU E 139 37.64 -30.27 -14.06
C LEU E 139 37.85 -31.78 -13.99
N TYR E 140 36.81 -32.53 -13.61
CA TYR E 140 36.89 -33.98 -13.57
C TYR E 140 37.14 -34.57 -14.96
N LEU E 141 36.64 -33.91 -16.00
CA LEU E 141 36.89 -34.38 -17.36
C LEU E 141 38.28 -34.01 -17.85
N LEU E 142 38.79 -32.84 -17.45
CA LEU E 142 40.13 -32.44 -17.84
C LEU E 142 41.18 -33.40 -17.27
N MET E 143 41.05 -33.77 -16.01
CA MET E 143 41.95 -34.71 -15.35
C MET E 143 41.10 -35.89 -14.88
N SER E 144 41.35 -37.06 -15.46
CA SER E 144 40.51 -38.22 -15.19
C SER E 144 40.49 -38.58 -13.71
N LYS E 145 41.66 -38.58 -13.07
CA LYS E 145 41.72 -38.82 -11.64
C LYS E 145 41.18 -37.62 -10.88
N TRP E 146 40.51 -37.90 -9.77
CA TRP E 146 39.98 -36.84 -8.92
C TRP E 146 41.13 -36.17 -8.18
N SER E 147 41.51 -34.98 -8.61
CA SER E 147 42.65 -34.27 -8.06
C SER E 147 42.29 -33.31 -6.93
N LEU E 148 41.03 -33.26 -6.52
CA LEU E 148 40.60 -32.34 -5.48
C LEU E 148 40.63 -32.94 -4.08
N GLY E 149 41.05 -34.20 -3.94
CA GLY E 149 41.18 -34.81 -2.64
C GLY E 149 39.91 -35.52 -2.19
N ARG E 150 40.08 -36.43 -1.23
CA ARG E 150 38.96 -37.20 -0.70
C ARG E 150 37.89 -36.34 -0.03
N PRO E 151 38.21 -35.42 0.89
CA PRO E 151 37.14 -34.65 1.54
C PRO E 151 36.32 -33.81 0.57
N LEU E 152 36.95 -33.28 -0.49
CA LEU E 152 36.22 -32.48 -1.46
C LEU E 152 35.39 -33.32 -2.41
N CYS E 153 35.76 -34.58 -2.62
CA CYS E 153 34.95 -35.47 -3.46
C CYS E 153 33.58 -35.72 -2.83
N LEU E 154 33.54 -35.94 -1.51
CA LEU E 154 32.26 -36.15 -0.84
C LEU E 154 31.39 -34.90 -0.89
N PHE E 155 32.01 -33.73 -0.76
CA PHE E 155 31.25 -32.48 -0.82
C PHE E 155 30.61 -32.30 -2.20
N TRP E 156 31.35 -32.61 -3.26
CA TRP E 156 30.80 -32.48 -4.61
C TRP E 156 29.62 -33.42 -4.82
N LEU E 157 29.72 -34.65 -4.32
CA LEU E 157 28.60 -35.58 -4.44
C LEU E 157 27.39 -35.07 -3.67
N SER E 158 27.60 -34.51 -2.48
CA SER E 158 26.48 -33.97 -1.72
C SER E 158 25.83 -32.81 -2.45
N MET E 159 26.63 -31.90 -3.00
CA MET E 159 26.08 -30.78 -3.76
C MET E 159 25.40 -31.28 -5.03
N ASP E 160 26.00 -32.26 -5.70
CA ASP E 160 25.40 -32.79 -6.92
C ASP E 160 24.06 -33.46 -6.64
N TYR E 161 24.00 -34.26 -5.58
CA TYR E 161 22.77 -35.01 -5.29
C TYR E 161 21.68 -34.12 -4.70
N VAL E 162 22.04 -33.20 -3.81
CA VAL E 162 21.03 -32.36 -3.17
C VAL E 162 20.45 -31.37 -4.16
N ALA E 163 21.31 -30.69 -4.93
CA ALA E 163 20.82 -29.68 -5.86
C ALA E 163 19.99 -30.29 -6.98
N SER E 164 20.41 -31.44 -7.51
CA SER E 164 19.64 -32.09 -8.57
C SER E 164 18.29 -32.58 -8.04
N THR E 165 18.28 -33.18 -6.84
CA THR E 165 17.03 -33.63 -6.25
C THR E 165 16.11 -32.47 -5.94
N ALA E 166 16.68 -31.37 -5.43
CA ALA E 166 15.87 -30.18 -5.16
C ALA E 166 15.28 -29.61 -6.44
N SER E 167 16.05 -29.64 -7.53
CA SER E 167 15.54 -29.17 -8.82
C SER E 167 14.39 -30.04 -9.29
N ILE E 168 14.49 -31.36 -9.10
CA ILE E 168 13.40 -32.25 -9.49
C ILE E 168 12.18 -32.02 -8.62
N PHE E 169 12.37 -31.85 -7.31
CA PHE E 169 11.22 -31.62 -6.43
C PHE E 169 10.66 -30.21 -6.58
N SER E 170 11.48 -29.25 -7.00
CA SER E 170 10.97 -27.91 -7.25
C SER E 170 10.03 -27.91 -8.45
N VAL E 171 10.33 -28.72 -9.46
CA VAL E 171 9.43 -28.89 -10.59
C VAL E 171 8.15 -29.58 -10.15
N PHE E 172 8.27 -30.54 -9.23
CA PHE E 172 7.10 -31.30 -8.79
C PHE E 172 6.13 -30.44 -7.99
N ILE E 173 6.65 -29.66 -7.03
CA ILE E 173 5.78 -28.81 -6.23
C ILE E 173 5.16 -27.71 -7.08
N LEU E 174 5.89 -27.22 -8.08
CA LEU E 174 5.33 -26.23 -8.99
C LEU E 174 4.20 -26.82 -9.83
N CYS E 175 4.31 -28.11 -10.18
CA CYS E 175 3.22 -28.76 -10.91
C CYS E 175 2.00 -28.94 -10.04
N ILE E 176 2.20 -29.24 -8.75
CA ILE E 176 1.07 -29.38 -7.83
C ILE E 176 0.36 -28.03 -7.66
N ASP E 177 1.12 -26.95 -7.52
CA ASP E 177 0.51 -25.64 -7.35
C ASP E 177 -0.34 -25.26 -8.55
N ARG E 178 0.17 -25.53 -9.76
CA ARG E 178 -0.61 -25.24 -10.96
C ARG E 178 -1.81 -26.17 -11.09
N TYR E 179 -1.68 -27.43 -10.64
CA TYR E 179 -2.79 -28.37 -10.72
C TYR E 179 -3.94 -27.94 -9.82
N ARG E 180 -3.63 -27.57 -8.56
CA ARG E 180 -4.69 -27.22 -7.63
C ARG E 180 -5.34 -25.89 -8.00
N SER E 181 -4.58 -24.96 -8.58
CA SER E 181 -5.14 -23.68 -8.97
C SER E 181 -5.99 -23.78 -10.23
N VAL E 182 -5.99 -24.92 -10.91
CA VAL E 182 -6.80 -25.13 -12.10
C VAL E 182 -8.04 -25.95 -11.77
N GLN E 183 -7.87 -27.05 -11.04
CA GLN E 183 -9.02 -27.90 -10.71
C GLN E 183 -10.03 -27.17 -9.84
N GLN E 184 -9.56 -26.49 -8.80
CA GLN E 184 -10.42 -25.74 -7.88
C GLN E 184 -9.88 -24.32 -7.74
N PRO E 185 -10.13 -23.45 -8.72
CA PRO E 185 -9.58 -22.10 -8.65
C PRO E 185 -10.07 -21.28 -7.47
N LEU E 186 -11.38 -21.29 -7.20
CA LEU E 186 -11.90 -20.52 -6.07
C LEU E 186 -11.51 -21.13 -4.73
N ARG E 187 -11.63 -22.45 -4.60
CA ARG E 187 -11.34 -23.11 -3.34
C ARG E 187 -9.86 -23.02 -2.97
N TYR E 188 -8.97 -23.07 -3.96
CA TYR E 188 -7.55 -23.04 -3.67
C TYR E 188 -7.03 -21.65 -3.33
N LEU E 189 -7.83 -20.60 -3.54
CA LEU E 189 -7.37 -19.25 -3.25
C LEU E 189 -7.02 -19.09 -1.77
N LYS E 190 -7.84 -19.68 -0.90
CA LYS E 190 -7.58 -19.57 0.54
C LYS E 190 -6.30 -20.28 0.94
N TYR E 191 -5.97 -21.40 0.28
CA TYR E 191 -4.82 -22.21 0.65
C TYR E 191 -3.56 -21.83 -0.12
N ARG E 192 -3.59 -20.74 -0.88
CA ARG E 192 -2.44 -20.31 -1.67
C ARG E 192 -1.58 -19.29 -0.93
N THR E 193 -1.81 -19.08 0.36
CA THR E 193 -1.04 -18.13 1.15
C THR E 193 0.46 -18.41 1.05
N LYS E 194 1.23 -17.34 0.84
CA LYS E 194 2.69 -17.44 0.77
C LYS E 194 3.28 -18.21 1.94
N THR E 195 2.62 -18.18 3.10
CA THR E 195 3.10 -18.93 4.25
C THR E 195 3.08 -20.43 3.97
N ARG E 196 2.01 -20.91 3.33
CA ARG E 196 1.92 -22.34 3.02
C ARG E 196 2.82 -22.71 1.84
N ALA E 197 3.00 -21.80 0.88
CA ALA E 197 3.91 -22.06 -0.23
C ALA E 197 5.35 -22.18 0.27
N SER E 198 5.76 -21.32 1.20
CA SER E 198 7.11 -21.38 1.73
C SER E 198 7.36 -22.69 2.47
N ALA E 199 6.36 -23.17 3.19
CA ALA E 199 6.48 -24.47 3.85
C ALA E 199 6.66 -25.58 2.83
N THR E 200 5.97 -25.48 1.69
CA THR E 200 6.14 -26.46 0.62
C THR E 200 7.55 -26.42 0.06
N ILE E 201 8.09 -25.21 -0.13
CA ILE E 201 9.45 -25.07 -0.63
C ILE E 201 10.45 -25.64 0.35
N LEU E 202 10.27 -25.34 1.65
CA LEU E 202 11.16 -25.89 2.66
C LEU E 202 11.05 -27.41 2.72
N GLY E 203 9.84 -27.95 2.59
CA GLY E 203 9.68 -29.39 2.60
C GLY E 203 10.39 -30.07 1.45
N ALA E 204 10.36 -29.47 0.26
CA ALA E 204 11.07 -30.03 -0.88
C ALA E 204 12.58 -30.01 -0.66
N TRP E 205 13.11 -28.92 -0.11
CA TRP E 205 14.54 -28.85 0.13
C TRP E 205 14.98 -29.71 1.31
N PHE E 206 14.09 -29.91 2.30
CA PHE E 206 14.43 -30.77 3.42
C PHE E 206 14.66 -32.20 2.96
N LEU E 207 13.79 -32.71 2.09
CA LEU E 207 13.99 -34.05 1.56
C LEU E 207 15.21 -34.12 0.64
N SER E 208 15.52 -33.01 -0.04
CA SER E 208 16.70 -32.98 -0.90
C SER E 208 17.97 -33.14 -0.08
N PHE E 209 18.03 -32.48 1.09
CA PHE E 209 19.20 -32.59 1.95
C PHE E 209 19.35 -33.97 2.58
N LEU E 210 18.33 -34.82 2.50
CA LEU E 210 18.44 -36.18 3.03
C LEU E 210 19.37 -37.05 2.21
N TRP E 211 19.79 -36.61 1.01
CA TRP E 211 20.77 -37.36 0.25
C TRP E 211 22.15 -37.33 0.91
N VAL E 212 22.40 -36.37 1.80
CA VAL E 212 23.72 -36.26 2.42
C VAL E 212 23.98 -37.46 3.33
N ILE E 213 22.94 -37.94 4.01
CA ILE E 213 23.14 -39.05 4.96
C ILE E 213 23.67 -40.30 4.29
N PRO E 214 23.08 -40.82 3.21
CA PRO E 214 23.68 -41.98 2.55
C PRO E 214 25.05 -41.70 1.96
N ILE E 215 25.32 -40.48 1.53
CA ILE E 215 26.61 -40.18 0.91
C ILE E 215 27.73 -40.23 1.94
N LEU E 216 27.51 -39.68 3.12
CA LEU E 216 28.53 -39.60 4.15
C LEU E 216 28.47 -40.75 5.15
N GLY E 217 27.26 -41.19 5.52
CA GLY E 217 27.12 -42.18 6.57
C GLY E 217 26.91 -43.59 6.07
N TRP E 218 27.26 -43.87 4.82
CA TRP E 218 27.07 -45.20 4.28
C TRP E 218 27.93 -46.23 4.99
N ASN E 219 29.20 -45.89 5.25
CA ASN E 219 30.10 -46.82 5.93
C ASN E 219 29.62 -47.12 7.35
N HIS E 220 29.19 -46.09 8.08
CA HIS E 220 28.74 -46.29 9.45
C HIS E 220 27.49 -47.16 9.50
N PHE E 221 26.55 -46.92 8.59
CA PHE E 221 25.29 -47.69 8.60
C PHE E 221 25.48 -49.05 7.95
N MET E 222 25.87 -49.06 6.67
CA MET E 222 26.07 -50.31 5.95
C MET E 222 27.54 -50.69 5.89
N VAL E 227 34.42 -51.67 -3.33
CA VAL E 227 35.20 -51.37 -4.52
C VAL E 227 35.32 -49.86 -4.70
N ARG E 228 36.31 -49.27 -4.04
CA ARG E 228 36.54 -47.83 -4.07
C ARG E 228 37.98 -47.55 -4.46
N ARG E 229 38.18 -46.63 -5.40
CA ARG E 229 39.50 -46.21 -5.82
C ARG E 229 39.62 -44.70 -5.70
N GLU E 230 40.85 -44.24 -5.43
CA GLU E 230 41.07 -42.81 -5.19
C GLU E 230 40.86 -41.98 -6.44
N ASP E 231 41.14 -42.54 -7.63
CA ASP E 231 41.03 -41.77 -8.86
C ASP E 231 39.59 -41.33 -9.12
N LYS E 232 38.63 -42.21 -8.87
CA LYS E 232 37.23 -41.90 -9.14
C LYS E 232 36.56 -41.27 -7.92
N CYS E 233 35.46 -40.58 -8.17
CA CYS E 233 34.67 -39.95 -7.11
C CYS E 233 33.26 -40.52 -7.10
N GLU E 234 33.15 -41.85 -7.21
CA GLU E 234 31.85 -42.49 -7.18
C GLU E 234 31.34 -42.58 -5.75
N THR E 235 30.02 -42.65 -5.61
CA THR E 235 29.41 -42.83 -4.31
C THR E 235 29.67 -44.23 -3.77
N ASP E 236 29.64 -44.35 -2.44
CA ASP E 236 29.87 -45.64 -1.81
C ASP E 236 28.77 -46.64 -2.16
N PHE E 237 27.52 -46.17 -2.22
CA PHE E 237 26.37 -47.03 -2.47
C PHE E 237 26.07 -47.22 -3.95
N TYR E 238 27.06 -47.00 -4.82
CA TYR E 238 26.80 -47.09 -6.26
C TYR E 238 26.52 -48.53 -6.68
N ASP E 239 27.15 -49.50 -6.04
CA ASP E 239 26.98 -50.90 -6.42
C ASP E 239 25.73 -51.53 -5.81
N VAL E 240 25.11 -50.88 -4.82
CA VAL E 240 23.95 -51.45 -4.16
C VAL E 240 22.75 -51.41 -5.10
N THR E 241 22.04 -52.54 -5.19
CA THR E 241 20.91 -52.66 -6.10
C THR E 241 19.59 -52.26 -5.46
N TRP E 242 19.31 -52.79 -4.27
CA TRP E 242 18.02 -52.50 -3.64
C TRP E 242 17.88 -51.03 -3.28
N PHE E 243 18.96 -50.40 -2.80
CA PHE E 243 18.88 -49.01 -2.39
C PHE E 243 18.68 -48.08 -3.59
N LYS E 244 19.37 -48.35 -4.69
CA LYS E 244 19.24 -47.48 -5.87
C LYS E 244 17.85 -47.58 -6.48
N VAL E 245 17.26 -48.78 -6.52
CA VAL E 245 15.91 -48.93 -7.03
C VAL E 245 14.93 -48.18 -6.14
N MET E 246 15.07 -48.30 -4.82
CA MET E 246 14.18 -47.60 -3.91
C MET E 246 14.30 -46.09 -4.05
N THR E 247 15.54 -45.59 -4.17
CA THR E 247 15.74 -44.15 -4.27
C THR E 247 15.31 -43.61 -5.63
N ALA E 248 15.55 -44.38 -6.69
CA ALA E 248 15.17 -43.91 -8.03
C ALA E 248 13.67 -43.74 -8.15
N ILE E 249 12.89 -44.66 -7.57
CA ILE E 249 11.43 -44.54 -7.62
C ILE E 249 10.99 -43.28 -6.90
N ILE E 250 11.53 -43.04 -5.71
CA ILE E 250 11.14 -41.87 -4.93
C ILE E 250 11.64 -40.59 -5.59
N ASN E 251 12.88 -40.60 -6.08
CA ASN E 251 13.49 -39.38 -6.60
C ASN E 251 12.84 -38.95 -7.91
N PHE E 252 12.70 -39.88 -8.86
CA PHE E 252 12.27 -39.52 -10.21
C PHE E 252 10.98 -40.21 -10.65
N TYR E 253 10.88 -41.54 -10.47
CA TYR E 253 9.80 -42.28 -11.12
C TYR E 253 8.44 -41.92 -10.54
N LEU E 254 8.32 -41.89 -9.22
CA LEU E 254 7.05 -41.52 -8.61
C LEU E 254 6.65 -40.08 -8.91
N PRO E 255 7.51 -39.07 -8.77
CA PRO E 255 7.11 -37.71 -9.16
C PRO E 255 6.76 -37.58 -10.63
N THR E 256 7.45 -38.31 -11.51
CA THR E 256 7.17 -38.19 -12.93
C THR E 256 5.78 -38.74 -13.28
N LEU E 257 5.40 -39.86 -12.66
CA LEU E 257 4.07 -40.41 -12.91
C LEU E 257 2.99 -39.47 -12.44
N LEU E 258 3.17 -38.86 -11.26
CA LEU E 258 2.19 -37.89 -10.78
C LEU E 258 2.17 -36.64 -11.65
N MET E 259 3.34 -36.17 -12.08
CA MET E 259 3.38 -35.00 -12.96
C MET E 259 2.68 -35.28 -14.28
N LEU E 260 2.85 -36.48 -14.82
CA LEU E 260 2.14 -36.85 -16.04
C LEU E 260 0.62 -36.87 -15.79
N TRP E 261 0.20 -37.38 -14.64
CA TRP E 261 -1.23 -37.43 -14.33
C TRP E 261 -1.77 -36.04 -14.01
N PHE E 262 -0.98 -35.20 -13.33
CA PHE E 262 -1.44 -33.86 -13.00
C PHE E 262 -1.56 -32.99 -14.24
N TYR E 263 -0.58 -33.04 -15.14
CA TYR E 263 -0.66 -32.25 -16.36
C TYR E 263 -1.68 -32.81 -17.33
N ALA E 264 -1.96 -34.12 -17.26
CA ALA E 264 -3.07 -34.67 -18.03
C ALA E 264 -4.39 -34.10 -17.56
N LYS E 265 -4.57 -33.97 -16.25
CA LYS E 265 -5.78 -33.35 -15.72
C LYS E 265 -5.84 -31.87 -16.08
N ILE E 266 -4.70 -31.19 -16.05
CA ILE E 266 -4.67 -29.77 -16.42
C ILE E 266 -5.07 -29.60 -17.89
N TYR E 267 -4.53 -30.45 -18.77
CA TYR E 267 -4.89 -30.38 -20.17
C TYR E 267 -6.38 -30.66 -20.38
N LYS E 268 -6.96 -31.52 -19.55
CA LYS E 268 -8.40 -31.77 -19.62
C LYS E 268 -9.18 -30.51 -19.32
N ALA E 269 -8.75 -29.74 -18.31
CA ALA E 269 -9.45 -28.53 -17.94
C ALA E 269 -9.21 -27.40 -18.93
N VAL E 270 -7.97 -27.28 -19.43
CA VAL E 270 -7.66 -26.21 -20.39
C VAL E 270 -8.44 -26.41 -21.68
N ARG E 271 -8.50 -27.65 -22.17
CA ARG E 271 -9.28 -27.94 -23.37
C ARG E 271 -10.76 -27.68 -23.13
N GLN E 272 -11.27 -28.10 -21.95
CA GLN E 272 -12.67 -27.82 -21.63
C GLN E 272 -12.92 -26.32 -21.48
N HIS E 273 -11.96 -25.60 -20.89
CA HIS E 273 -12.12 -24.15 -20.72
C HIS E 273 -12.21 -23.45 -22.07
N CYS E 274 -11.35 -23.84 -23.02
CA CYS E 274 -11.37 -23.20 -24.33
C CYS E 274 -12.61 -23.59 -25.12
N GLN E 275 -13.05 -24.84 -25.02
CA GLN E 275 -14.26 -25.27 -25.72
C GLN E 275 -15.49 -24.58 -25.17
N HIS E 276 -15.52 -24.31 -23.86
CA HIS E 276 -16.65 -23.61 -23.28
C HIS E 276 -16.78 -22.20 -23.84
N ARG E 277 -15.65 -21.49 -23.97
CA ARG E 277 -15.69 -20.13 -24.50
C ARG E 277 -15.91 -20.14 -26.01
N GLU E 278 -15.29 -21.07 -26.73
CA GLU E 278 -15.43 -21.15 -28.17
C GLU E 278 -15.20 -22.57 -28.67
N ASN E 461 -8.02 -24.77 -33.66
CA ASN E 461 -7.40 -25.57 -32.61
C ASN E 461 -6.57 -24.69 -31.68
N ARG E 462 -7.25 -23.91 -30.84
CA ARG E 462 -6.55 -23.05 -29.90
C ARG E 462 -5.89 -23.83 -28.78
N GLU E 463 -6.25 -25.11 -28.59
CA GLU E 463 -5.65 -25.93 -27.55
C GLU E 463 -4.20 -26.27 -27.83
N ARG E 464 -3.70 -25.99 -29.03
CA ARG E 464 -2.29 -26.22 -29.34
C ARG E 464 -1.38 -25.34 -28.49
N LYS E 465 -1.89 -24.22 -27.98
CA LYS E 465 -1.09 -23.39 -27.08
C LYS E 465 -0.73 -24.14 -25.80
N ALA E 466 -1.69 -24.86 -25.23
CA ALA E 466 -1.43 -25.62 -24.01
C ALA E 466 -0.62 -26.87 -24.30
N ALA E 467 -0.91 -27.55 -25.42
CA ALA E 467 -0.17 -28.76 -25.76
C ALA E 467 1.31 -28.45 -26.01
N LYS E 468 1.59 -27.35 -26.70
CA LYS E 468 2.97 -26.93 -26.92
C LYS E 468 3.67 -26.63 -25.59
N GLN E 469 2.99 -25.92 -24.70
CA GLN E 469 3.61 -25.56 -23.42
C GLN E 469 3.75 -26.76 -22.51
N LEU E 470 2.70 -27.57 -22.39
CA LEU E 470 2.78 -28.77 -21.57
C LEU E 470 3.77 -29.78 -22.16
N GLY E 471 3.85 -29.86 -23.49
CA GLY E 471 4.83 -30.73 -24.10
C GLY E 471 6.26 -30.29 -23.83
N PHE E 472 6.53 -28.99 -23.95
CA PHE E 472 7.86 -28.48 -23.66
C PHE E 472 8.23 -28.67 -22.20
N ILE E 473 7.27 -28.44 -21.30
CA ILE E 473 7.53 -28.61 -19.87
C ILE E 473 7.88 -30.05 -19.54
N MET E 474 7.14 -31.00 -20.11
CA MET E 474 7.27 -32.40 -19.73
C MET E 474 8.36 -33.12 -20.51
N ALA E 475 8.48 -32.85 -21.81
CA ALA E 475 9.52 -33.53 -22.60
C ALA E 475 10.91 -33.15 -22.14
N ALA E 476 11.13 -31.87 -21.84
CA ALA E 476 12.44 -31.43 -21.38
C ALA E 476 12.80 -32.06 -20.05
N PHE E 477 11.84 -32.16 -19.13
CA PHE E 477 12.10 -32.78 -17.83
C PHE E 477 12.38 -34.27 -17.98
N ILE E 478 11.65 -34.96 -18.84
CA ILE E 478 11.80 -36.41 -18.96
C ILE E 478 13.05 -36.74 -19.76
N LEU E 479 13.20 -36.17 -20.95
CA LEU E 479 14.33 -36.53 -21.82
C LEU E 479 15.67 -36.20 -21.18
N CYS E 480 15.73 -35.13 -20.39
CA CYS E 480 16.99 -34.76 -19.75
C CYS E 480 17.31 -35.63 -18.54
N TRP E 481 16.33 -36.33 -17.98
CA TRP E 481 16.55 -37.12 -16.78
C TRP E 481 16.28 -38.60 -16.92
N ILE E 482 15.52 -39.04 -17.93
CA ILE E 482 15.26 -40.47 -18.08
C ILE E 482 16.52 -41.28 -18.35
N PRO E 483 17.49 -40.84 -19.18
CA PRO E 483 18.66 -41.71 -19.38
C PRO E 483 19.49 -41.88 -18.13
N TYR E 484 19.53 -40.88 -17.25
CA TYR E 484 20.34 -41.01 -16.04
C TYR E 484 19.72 -42.00 -15.06
N PHE E 485 18.41 -41.89 -14.82
CA PHE E 485 17.77 -42.76 -13.85
C PHE E 485 17.55 -44.17 -14.36
N ILE E 486 17.50 -44.36 -15.68
CA ILE E 486 17.59 -45.71 -16.22
C ILE E 486 18.97 -46.29 -15.97
N PHE E 487 20.01 -45.51 -16.26
CA PHE E 487 21.38 -45.92 -15.96
C PHE E 487 21.66 -45.95 -14.46
N PHE E 488 20.82 -45.28 -13.66
CA PHE E 488 21.01 -45.28 -12.22
C PHE E 488 20.85 -46.68 -11.63
N MET E 489 19.89 -47.44 -12.14
CA MET E 489 19.64 -48.79 -11.65
C MET E 489 20.31 -49.88 -12.48
N VAL E 490 20.63 -49.60 -13.75
CA VAL E 490 21.28 -50.59 -14.59
C VAL E 490 22.68 -50.89 -14.08
N ILE E 491 23.38 -49.86 -13.60
CA ILE E 491 24.75 -50.04 -13.13
C ILE E 491 24.79 -51.04 -11.98
N ALA E 492 23.79 -51.00 -11.10
CA ALA E 492 23.75 -51.92 -9.97
C ALA E 492 23.35 -53.33 -10.39
N PHE E 493 22.61 -53.48 -11.49
CA PHE E 493 22.12 -54.80 -11.88
C PHE E 493 23.26 -55.69 -12.35
N CYS E 494 24.12 -55.19 -13.24
CA CYS E 494 25.18 -56.01 -13.79
C CYS E 494 26.55 -55.75 -13.17
N LYS E 495 26.77 -54.56 -12.60
CA LYS E 495 28.00 -54.15 -11.91
C LYS E 495 29.19 -54.02 -12.84
N ASN E 496 29.05 -54.35 -14.13
CA ASN E 496 30.10 -54.15 -15.11
C ASN E 496 29.59 -53.55 -16.42
N CYS E 497 28.28 -53.53 -16.63
CA CYS E 497 27.70 -52.90 -17.82
C CYS E 497 27.95 -51.40 -17.88
N CYS E 498 28.24 -50.78 -16.74
CA CYS E 498 28.43 -49.34 -16.70
C CYS E 498 29.72 -48.92 -17.39
N ASN E 499 29.68 -47.78 -18.08
CA ASN E 499 30.83 -47.18 -18.71
C ASN E 499 30.97 -45.75 -18.23
N GLU E 500 32.20 -45.34 -17.92
CA GLU E 500 32.42 -43.99 -17.42
C GLU E 500 32.08 -42.93 -18.46
N HIS E 501 32.38 -43.21 -19.73
CA HIS E 501 32.04 -42.26 -20.79
C HIS E 501 30.53 -42.07 -20.90
N LEU E 502 29.77 -43.16 -20.80
CA LEU E 502 28.31 -43.05 -20.84
C LEU E 502 27.77 -42.43 -19.56
N HIS E 503 28.39 -42.74 -18.42
CA HIS E 503 27.91 -42.21 -17.15
C HIS E 503 28.05 -40.69 -17.10
N MET E 504 29.16 -40.16 -17.61
CA MET E 504 29.32 -38.71 -17.67
C MET E 504 28.34 -38.09 -18.66
N PHE E 505 27.96 -38.83 -19.71
CA PHE E 505 26.98 -38.32 -20.66
C PHE E 505 25.62 -38.14 -20.01
N THR E 506 25.21 -39.09 -19.16
CA THR E 506 23.88 -39.03 -18.56
C THR E 506 23.77 -37.88 -17.57
N ILE E 507 24.79 -37.68 -16.73
CA ILE E 507 24.71 -36.62 -15.72
C ILE E 507 24.75 -35.24 -16.38
N TRP E 508 25.44 -35.11 -17.51
CA TRP E 508 25.45 -33.83 -18.21
C TRP E 508 24.09 -33.50 -18.81
N LEU E 509 23.34 -34.52 -19.24
CA LEU E 509 21.97 -34.28 -19.65
C LEU E 509 21.12 -33.80 -18.49
N GLY E 510 21.36 -34.34 -17.30
CA GLY E 510 20.68 -33.82 -16.12
C GLY E 510 21.04 -32.39 -15.81
N TYR E 511 22.30 -32.02 -16.06
CA TYR E 511 22.71 -30.63 -15.85
C TYR E 511 22.08 -29.70 -16.87
N ILE E 512 21.80 -30.19 -18.09
CA ILE E 512 21.19 -29.36 -19.11
C ILE E 512 19.79 -28.94 -18.69
N ASN E 513 19.08 -29.82 -18.00
CA ASN E 513 17.74 -29.47 -17.50
C ASN E 513 17.80 -28.25 -16.59
N SER E 514 18.88 -28.08 -15.84
CA SER E 514 19.04 -26.88 -15.03
C SER E 514 19.17 -25.63 -15.89
N THR E 515 19.86 -25.75 -17.04
CA THR E 515 19.97 -24.62 -17.96
C THR E 515 18.64 -24.32 -18.62
N LEU E 516 17.85 -25.35 -18.94
CA LEU E 516 16.60 -25.16 -19.65
C LEU E 516 15.48 -24.63 -18.75
N ASN E 517 15.60 -24.79 -17.43
CA ASN E 517 14.53 -24.33 -16.55
C ASN E 517 14.24 -22.84 -16.66
N PRO E 518 15.23 -21.94 -16.67
CA PRO E 518 14.91 -20.52 -16.89
C PRO E 518 14.24 -20.25 -18.23
N LEU E 519 14.49 -21.08 -19.24
CA LEU E 519 13.91 -20.88 -20.56
C LEU E 519 12.49 -21.44 -20.68
N ILE E 520 12.00 -22.15 -19.66
CA ILE E 520 10.71 -22.83 -19.72
C ILE E 520 9.68 -22.14 -18.83
N TYR E 521 9.94 -22.10 -17.53
CA TYR E 521 8.95 -21.56 -16.59
C TYR E 521 8.95 -20.03 -16.57
N PRO E 522 10.08 -19.36 -16.31
CA PRO E 522 10.03 -17.89 -16.26
C PRO E 522 9.88 -17.24 -17.61
N LEU E 523 10.61 -17.72 -18.63
CA LEU E 523 10.59 -17.05 -19.93
C LEU E 523 9.21 -17.09 -20.57
N CYS E 524 8.45 -18.17 -20.35
CA CYS E 524 7.11 -18.24 -20.93
C CYS E 524 6.12 -17.32 -20.22
N ASN E 525 6.44 -16.84 -19.03
CA ASN E 525 5.58 -15.89 -18.34
C ASN E 525 5.72 -14.51 -18.93
N GLU E 526 4.60 -13.80 -19.05
CA GLU E 526 4.62 -12.47 -19.66
C GLU E 526 5.31 -11.45 -18.77
N ASN E 527 5.02 -11.47 -17.47
CA ASN E 527 5.60 -10.49 -16.56
C ASN E 527 7.11 -10.66 -16.46
N PHE E 528 7.59 -11.91 -16.39
CA PHE E 528 9.03 -12.14 -16.40
C PHE E 528 9.67 -11.65 -17.70
N LYS E 529 9.00 -11.90 -18.83
CA LYS E 529 9.54 -11.47 -20.11
C LYS E 529 9.67 -9.96 -20.20
N LYS E 530 8.65 -9.24 -19.71
CA LYS E 530 8.73 -7.79 -19.66
C LYS E 530 9.84 -7.33 -18.71
N THR E 531 9.94 -7.97 -17.54
CA THR E 531 10.98 -7.61 -16.59
C THR E 531 12.37 -7.90 -17.14
N PHE E 532 12.53 -9.03 -17.82
CA PHE E 532 13.83 -9.38 -18.39
C PHE E 532 14.26 -8.36 -19.45
N LYS E 533 13.32 -7.93 -20.29
CA LYS E 533 13.66 -6.98 -21.34
C LYS E 533 14.05 -5.62 -20.77
N ARG E 534 13.44 -5.21 -19.65
CA ARG E 534 13.76 -3.91 -19.07
C ARG E 534 15.17 -3.89 -18.50
N ILE E 535 15.54 -4.93 -17.75
CA ILE E 535 16.83 -4.94 -17.08
C ILE E 535 17.97 -5.08 -18.08
N LEU E 536 17.81 -5.93 -19.09
CA LEU E 536 18.88 -6.14 -20.06
C LEU E 536 19.15 -4.89 -20.86
N HIS E 537 18.09 -4.18 -21.27
CA HIS E 537 18.26 -2.92 -22.00
C HIS E 537 18.55 -1.74 -21.08
N ILE E 538 18.47 -1.94 -19.76
CA ILE E 538 18.73 -0.90 -18.77
C ILE E 538 17.84 0.32 -19.00
#